data_2MVN
#
_entry.id   2MVN
#
_entity_poly.entity_id   1
_entity_poly.type   'polypeptide(L)'
_entity_poly.pdbx_seq_one_letter_code
;GPGSEDDDIDLFGSDNEEEDKEAAQLREERLRQYAEKKAKKPAL
;
_entity_poly.pdbx_strand_id   A
#
# COMPACT_ATOMS: atom_id res chain seq x y z
N GLY A 1 5.28 -4.12 -28.20
CA GLY A 1 6.24 -3.21 -28.81
C GLY A 1 5.60 -1.87 -29.10
N PRO A 2 6.19 -0.74 -28.66
CA PRO A 2 5.60 0.56 -28.91
C PRO A 2 5.87 1.09 -30.31
N GLY A 3 5.24 2.17 -30.62
CA GLY A 3 5.30 2.75 -31.94
C GLY A 3 3.91 3.10 -32.36
N SER A 4 3.02 2.18 -32.15
CA SER A 4 1.62 2.37 -32.45
C SER A 4 0.77 2.01 -31.23
N GLU A 5 1.37 2.10 -30.05
CA GLU A 5 0.63 1.86 -28.83
C GLU A 5 -0.12 3.12 -28.46
N ASP A 6 0.50 4.25 -28.78
CA ASP A 6 -0.07 5.60 -28.71
C ASP A 6 -0.41 6.03 -27.28
N ASP A 7 -1.54 5.60 -26.82
CA ASP A 7 -2.01 5.94 -25.48
C ASP A 7 -2.42 4.67 -24.77
N ASP A 8 -2.14 3.52 -25.38
CA ASP A 8 -2.56 2.27 -24.79
C ASP A 8 -1.81 2.02 -23.52
N ILE A 9 -0.55 2.33 -23.56
CA ILE A 9 0.33 2.11 -22.45
C ILE A 9 0.53 3.39 -21.66
N ASP A 10 0.11 3.37 -20.42
CA ASP A 10 0.37 4.47 -19.52
C ASP A 10 1.72 4.22 -18.89
N LEU A 11 2.52 5.27 -18.78
CA LEU A 11 3.88 5.18 -18.28
C LEU A 11 3.97 4.63 -16.85
N PHE A 12 3.11 5.10 -15.96
CA PHE A 12 3.19 4.68 -14.57
C PHE A 12 2.12 3.68 -14.18
N GLY A 13 1.02 3.70 -14.88
CA GLY A 13 -0.05 2.80 -14.57
C GLY A 13 -0.54 2.07 -15.78
N SER A 14 0.25 1.14 -16.27
CA SER A 14 -0.10 0.34 -17.41
C SER A 14 -1.29 -0.55 -17.04
N ASP A 15 -2.44 -0.24 -17.64
CA ASP A 15 -3.77 -0.80 -17.35
C ASP A 15 -4.28 -0.24 -16.02
N ASN A 16 -3.48 -0.42 -14.96
CA ASN A 16 -3.71 0.09 -13.57
C ASN A 16 -4.80 -0.70 -12.86
N GLU A 17 -5.79 -1.11 -13.59
CA GLU A 17 -6.87 -1.90 -13.05
C GLU A 17 -6.42 -3.34 -12.87
N GLU A 18 -5.39 -3.73 -13.62
CA GLU A 18 -4.81 -5.05 -13.45
C GLU A 18 -4.08 -5.11 -12.12
N GLU A 19 -3.58 -3.94 -11.72
CA GLU A 19 -2.84 -3.77 -10.49
C GLU A 19 -3.80 -3.56 -9.31
N ASP A 20 -5.09 -3.82 -9.56
CA ASP A 20 -6.15 -3.83 -8.52
C ASP A 20 -5.72 -4.70 -7.36
N LYS A 21 -4.96 -5.75 -7.71
CA LYS A 21 -4.31 -6.63 -6.76
C LYS A 21 -3.58 -5.84 -5.66
N GLU A 22 -2.66 -4.97 -6.06
CA GLU A 22 -1.89 -4.22 -5.10
C GLU A 22 -2.57 -2.97 -4.68
N ALA A 23 -3.50 -2.49 -5.48
CA ALA A 23 -4.32 -1.38 -5.09
C ALA A 23 -5.01 -1.76 -3.80
N ALA A 24 -5.68 -2.89 -3.83
CA ALA A 24 -6.35 -3.42 -2.67
C ALA A 24 -5.36 -3.91 -1.62
N GLN A 25 -4.43 -4.80 -2.01
CA GLN A 25 -3.48 -5.40 -1.08
C GLN A 25 -2.65 -4.43 -0.31
N LEU A 26 -1.87 -3.60 -0.98
CA LEU A 26 -1.03 -2.61 -0.28
C LEU A 26 -1.85 -1.76 0.66
N ARG A 27 -2.97 -1.29 0.13
CA ARG A 27 -3.96 -0.53 0.89
C ARG A 27 -4.41 -1.27 2.17
N GLU A 28 -4.84 -2.50 2.01
CA GLU A 28 -5.43 -3.24 3.09
C GLU A 28 -4.38 -3.83 4.04
N GLU A 29 -3.32 -4.38 3.50
CA GLU A 29 -2.31 -5.03 4.31
C GLU A 29 -1.52 -4.02 5.13
N ARG A 30 -1.32 -2.85 4.57
CA ARG A 30 -0.59 -1.84 5.31
C ARG A 30 -1.45 -1.17 6.36
N LEU A 31 -2.78 -1.22 6.19
CA LEU A 31 -3.64 -0.69 7.24
C LEU A 31 -3.70 -1.68 8.41
N ARG A 32 -3.46 -2.97 8.12
CA ARG A 32 -3.42 -4.02 9.17
C ARG A 32 -2.29 -3.70 10.12
N GLN A 33 -1.12 -3.48 9.52
CA GLN A 33 0.12 -3.13 10.24
C GLN A 33 -0.11 -1.96 11.17
N TYR A 34 -0.70 -0.92 10.62
CA TYR A 34 -0.97 0.29 11.35
C TYR A 34 -1.97 0.03 12.47
N ALA A 35 -3.12 -0.54 12.12
CA ALA A 35 -4.20 -0.76 13.08
C ALA A 35 -3.78 -1.60 14.28
N GLU A 36 -3.16 -2.75 14.04
CA GLU A 36 -2.78 -3.64 15.11
C GLU A 36 -1.81 -3.01 16.06
N LYS A 37 -0.71 -2.60 15.51
CA LYS A 37 0.42 -2.22 16.29
C LYS A 37 0.30 -0.79 16.83
N LYS A 38 -0.32 0.09 16.07
CA LYS A 38 -0.47 1.47 16.54
C LYS A 38 -1.60 1.60 17.55
N ALA A 39 -2.38 0.54 17.74
CA ALA A 39 -3.37 0.53 18.79
C ALA A 39 -2.78 -0.07 20.07
N LYS A 40 -1.53 -0.49 20.00
CA LYS A 40 -0.84 -1.04 21.15
C LYS A 40 0.37 -0.23 21.52
N LYS A 41 1.10 0.19 20.53
CA LYS A 41 2.22 1.05 20.72
C LYS A 41 1.68 2.47 20.78
N PRO A 42 2.20 3.32 21.65
CA PRO A 42 1.74 4.70 21.72
C PRO A 42 2.18 5.51 20.49
N ALA A 43 1.35 5.43 19.43
CA ALA A 43 1.56 6.09 18.11
C ALA A 43 2.74 5.49 17.33
N LEU A 44 3.88 5.49 17.93
CA LEU A 44 5.09 5.00 17.32
C LEU A 44 5.21 3.52 17.59
N GLY A 1 11.63 7.57 2.17
CA GLY A 1 10.99 7.95 0.91
C GLY A 1 11.30 6.94 -0.16
N PRO A 2 10.44 6.81 -1.18
CA PRO A 2 10.69 5.88 -2.28
C PRO A 2 11.80 6.39 -3.20
N GLY A 3 12.83 5.62 -3.28
CA GLY A 3 13.91 5.91 -4.15
C GLY A 3 14.05 4.78 -5.10
N SER A 4 14.77 3.78 -4.68
CA SER A 4 14.97 2.59 -5.47
C SER A 4 13.66 1.81 -5.60
N GLU A 5 12.70 2.09 -4.72
CA GLU A 5 11.38 1.46 -4.82
C GLU A 5 10.68 1.92 -6.09
N ASP A 6 11.04 3.09 -6.54
CA ASP A 6 10.41 3.72 -7.68
C ASP A 6 11.17 3.44 -8.97
N ASP A 7 12.49 3.47 -8.89
CA ASP A 7 13.32 3.25 -10.10
C ASP A 7 13.77 1.81 -10.28
N ASP A 8 13.82 1.05 -9.22
CA ASP A 8 14.31 -0.33 -9.30
C ASP A 8 13.17 -1.32 -9.12
N ILE A 9 12.39 -1.11 -8.11
CA ILE A 9 11.23 -1.95 -7.80
C ILE A 9 10.07 -1.59 -8.73
N ASP A 10 9.25 -2.55 -9.06
CA ASP A 10 8.08 -2.30 -9.88
C ASP A 10 6.89 -1.96 -8.99
N LEU A 11 6.39 -0.77 -9.14
CA LEU A 11 5.19 -0.34 -8.43
C LEU A 11 4.06 -0.12 -9.42
N PHE A 12 4.28 -0.56 -10.64
CA PHE A 12 3.37 -0.22 -11.73
C PHE A 12 2.46 -1.39 -12.09
N GLY A 13 3.03 -2.57 -12.16
CA GLY A 13 2.29 -3.73 -12.57
C GLY A 13 2.57 -4.06 -14.01
N SER A 14 2.07 -5.18 -14.47
CA SER A 14 2.29 -5.60 -15.86
C SER A 14 1.25 -4.90 -16.74
N ASP A 15 0.32 -4.30 -16.07
CA ASP A 15 -0.71 -3.46 -16.58
C ASP A 15 -1.21 -2.80 -15.34
N ASN A 16 -1.86 -1.71 -15.44
CA ASN A 16 -2.20 -0.98 -14.24
C ASN A 16 -3.49 -1.54 -13.66
N GLU A 17 -4.30 -2.09 -14.54
CA GLU A 17 -5.56 -2.69 -14.16
C GLU A 17 -5.33 -4.07 -13.60
N GLU A 18 -4.27 -4.70 -14.04
CA GLU A 18 -4.02 -6.06 -13.62
C GLU A 18 -3.44 -6.11 -12.23
N GLU A 19 -2.64 -5.11 -11.87
CA GLU A 19 -2.05 -5.04 -10.55
C GLU A 19 -3.03 -4.39 -9.53
N ASP A 20 -4.28 -4.18 -9.95
CA ASP A 20 -5.34 -3.60 -9.05
C ASP A 20 -5.50 -4.45 -7.79
N LYS A 21 -5.19 -5.73 -7.94
CA LYS A 21 -5.06 -6.68 -6.83
C LYS A 21 -4.21 -6.07 -5.70
N GLU A 22 -3.00 -5.60 -6.02
CA GLU A 22 -2.12 -5.05 -5.02
C GLU A 22 -2.48 -3.67 -4.62
N ALA A 23 -3.23 -2.98 -5.46
CA ALA A 23 -3.76 -1.70 -5.07
C ALA A 23 -4.59 -1.90 -3.80
N ALA A 24 -5.36 -2.98 -3.78
CA ALA A 24 -6.16 -3.36 -2.65
C ALA A 24 -5.29 -3.99 -1.57
N GLN A 25 -4.49 -5.01 -1.94
CA GLN A 25 -3.64 -5.75 -0.99
C GLN A 25 -2.72 -4.83 -0.20
N LEU A 26 -1.91 -4.07 -0.88
CA LEU A 26 -0.97 -3.16 -0.24
C LEU A 26 -1.69 -2.15 0.63
N ARG A 27 -2.75 -1.60 0.07
CA ARG A 27 -3.66 -0.68 0.80
C ARG A 27 -4.14 -1.30 2.12
N GLU A 28 -4.74 -2.49 2.04
CA GLU A 28 -5.30 -3.13 3.19
C GLU A 28 -4.25 -3.50 4.20
N GLU A 29 -3.12 -3.99 3.72
CA GLU A 29 -2.02 -4.36 4.59
C GLU A 29 -1.53 -3.16 5.38
N ARG A 30 -1.58 -1.98 4.77
CA ARG A 30 -1.21 -0.75 5.46
C ARG A 30 -2.14 -0.45 6.61
N LEU A 31 -3.44 -0.56 6.38
CA LEU A 31 -4.39 -0.27 7.45
C LEU A 31 -4.36 -1.34 8.52
N ARG A 32 -3.98 -2.57 8.12
CA ARG A 32 -3.77 -3.66 9.08
C ARG A 32 -2.62 -3.27 9.99
N GLN A 33 -1.48 -3.01 9.36
CA GLN A 33 -0.26 -2.67 10.07
C GLN A 33 -0.42 -1.43 10.94
N TYR A 34 -1.11 -0.44 10.44
CA TYR A 34 -1.37 0.77 11.21
C TYR A 34 -2.10 0.47 12.52
N ALA A 35 -3.25 -0.15 12.41
CA ALA A 35 -4.07 -0.43 13.58
C ALA A 35 -3.42 -1.49 14.46
N GLU A 36 -2.99 -2.56 13.85
CA GLU A 36 -2.46 -3.69 14.58
C GLU A 36 -1.12 -3.41 15.26
N LYS A 37 -0.34 -2.47 14.75
CA LYS A 37 0.88 -2.11 15.47
C LYS A 37 0.57 -1.14 16.58
N LYS A 38 -0.12 -0.05 16.27
CA LYS A 38 -0.34 1.04 17.22
C LYS A 38 -1.30 0.69 18.36
N ALA A 39 -2.24 -0.18 18.10
CA ALA A 39 -3.21 -0.55 19.13
C ALA A 39 -2.58 -1.49 20.15
N LYS A 40 -1.66 -2.30 19.72
CA LYS A 40 -1.05 -3.26 20.61
C LYS A 40 0.24 -2.71 21.18
N LYS A 41 1.04 -2.11 20.35
CA LYS A 41 2.30 -1.55 20.75
C LYS A 41 2.11 -0.06 20.94
N PRO A 42 2.52 0.48 22.10
CA PRO A 42 2.35 1.91 22.46
C PRO A 42 3.26 2.87 21.64
N ALA A 43 3.33 2.65 20.35
CA ALA A 43 4.13 3.47 19.48
C ALA A 43 3.23 4.40 18.69
N LEU A 44 2.77 5.43 19.35
CA LEU A 44 1.93 6.43 18.75
C LEU A 44 2.63 7.77 18.84
N GLY A 1 14.67 -5.27 1.37
CA GLY A 1 13.63 -5.56 0.39
C GLY A 1 12.75 -4.36 0.18
N PRO A 2 11.83 -4.41 -0.82
CA PRO A 2 10.91 -3.30 -1.10
C PRO A 2 9.98 -3.04 0.09
N GLY A 3 9.32 -4.07 0.55
CA GLY A 3 8.43 -3.95 1.67
C GLY A 3 7.14 -3.26 1.31
N SER A 4 7.17 -1.95 1.30
CA SER A 4 6.00 -1.18 0.99
C SER A 4 6.32 -0.12 -0.07
N GLU A 5 7.47 -0.25 -0.71
CA GLU A 5 7.90 0.74 -1.71
C GLU A 5 7.00 0.76 -2.93
N ASP A 6 6.46 -0.39 -3.28
CA ASP A 6 5.57 -0.52 -4.45
C ASP A 6 4.21 0.10 -4.19
N ASP A 7 4.04 0.59 -2.98
CA ASP A 7 2.84 1.28 -2.55
C ASP A 7 3.16 2.74 -2.28
N ASP A 8 4.34 2.96 -1.69
CA ASP A 8 4.80 4.28 -1.27
C ASP A 8 5.14 5.16 -2.45
N ILE A 9 5.76 4.55 -3.43
CA ILE A 9 6.18 5.26 -4.64
C ILE A 9 4.98 5.57 -5.51
N ASP A 10 4.31 4.56 -5.97
CA ASP A 10 3.19 4.71 -6.85
C ASP A 10 2.17 3.68 -6.51
N LEU A 11 0.98 4.11 -6.25
CA LEU A 11 -0.10 3.21 -5.93
C LEU A 11 -1.18 3.24 -7.06
N PHE A 12 -0.91 4.00 -8.09
CA PHE A 12 -1.88 4.16 -9.15
C PHE A 12 -1.71 3.09 -10.22
N GLY A 13 -0.50 2.85 -10.61
CA GLY A 13 -0.26 1.90 -11.65
C GLY A 13 -0.56 2.52 -12.99
N SER A 14 -1.31 1.84 -13.81
CA SER A 14 -1.62 2.35 -15.12
C SER A 14 -3.03 2.95 -15.13
N ASP A 15 -3.99 2.22 -14.63
CA ASP A 15 -5.37 2.71 -14.59
C ASP A 15 -5.89 2.62 -13.18
N ASN A 16 -5.14 1.88 -12.36
CA ASN A 16 -5.46 1.62 -10.93
C ASN A 16 -6.46 0.52 -10.77
N GLU A 17 -7.37 0.43 -11.69
CA GLU A 17 -8.35 -0.60 -11.63
C GLU A 17 -7.80 -1.86 -12.24
N GLU A 18 -6.78 -1.71 -13.05
CA GLU A 18 -6.11 -2.84 -13.59
C GLU A 18 -5.12 -3.42 -12.57
N GLU A 19 -4.40 -2.54 -11.90
CA GLU A 19 -3.48 -2.92 -10.83
C GLU A 19 -4.24 -3.06 -9.48
N ASP A 20 -5.56 -3.15 -9.58
CA ASP A 20 -6.50 -3.28 -8.42
C ASP A 20 -6.03 -4.35 -7.45
N LYS A 21 -5.40 -5.38 -7.99
CA LYS A 21 -4.79 -6.46 -7.21
C LYS A 21 -3.93 -5.90 -6.05
N GLU A 22 -2.97 -5.05 -6.35
CA GLU A 22 -2.11 -4.54 -5.34
C GLU A 22 -2.60 -3.30 -4.73
N ALA A 23 -3.44 -2.56 -5.45
CA ALA A 23 -4.05 -1.38 -4.90
C ALA A 23 -4.77 -1.75 -3.61
N ALA A 24 -5.44 -2.90 -3.65
CA ALA A 24 -6.13 -3.45 -2.52
C ALA A 24 -5.16 -4.16 -1.57
N GLN A 25 -4.32 -5.10 -2.08
CA GLN A 25 -3.36 -5.86 -1.22
C GLN A 25 -2.45 -4.96 -0.41
N LEU A 26 -1.78 -4.04 -1.08
CA LEU A 26 -0.90 -3.09 -0.41
C LEU A 26 -1.69 -2.30 0.62
N ARG A 27 -2.81 -1.77 0.18
CA ARG A 27 -3.73 -1.00 1.02
C ARG A 27 -4.10 -1.75 2.31
N GLU A 28 -4.72 -2.91 2.14
CA GLU A 28 -5.24 -3.69 3.26
C GLU A 28 -4.13 -4.10 4.23
N GLU A 29 -3.04 -4.62 3.71
CA GLU A 29 -1.98 -5.10 4.54
C GLU A 29 -1.24 -3.99 5.27
N ARG A 30 -1.07 -2.83 4.63
CA ARG A 30 -0.40 -1.73 5.29
C ARG A 30 -1.29 -1.09 6.34
N LEU A 31 -2.59 -1.00 6.08
CA LEU A 31 -3.48 -0.38 7.05
C LEU A 31 -3.68 -1.26 8.27
N ARG A 32 -3.50 -2.57 8.11
CA ARG A 32 -3.58 -3.50 9.23
C ARG A 32 -2.42 -3.28 10.18
N GLN A 33 -1.24 -3.01 9.63
CA GLN A 33 -0.05 -2.75 10.43
C GLN A 33 -0.28 -1.51 11.27
N TYR A 34 -0.79 -0.49 10.60
CA TYR A 34 -1.11 0.80 11.17
C TYR A 34 -2.13 0.63 12.29
N ALA A 35 -3.19 -0.11 12.01
CA ALA A 35 -4.25 -0.34 12.97
C ALA A 35 -3.77 -1.16 14.17
N GLU A 36 -3.25 -2.34 13.90
CA GLU A 36 -2.89 -3.27 14.94
C GLU A 36 -1.75 -2.80 15.80
N LYS A 37 -0.64 -2.41 15.20
CA LYS A 37 0.54 -2.04 15.98
C LYS A 37 0.31 -0.80 16.80
N LYS A 38 -0.51 0.09 16.31
CA LYS A 38 -0.77 1.32 17.03
C LYS A 38 -1.85 1.11 18.10
N ALA A 39 -2.50 -0.04 18.07
CA ALA A 39 -3.46 -0.39 19.08
C ALA A 39 -2.80 -1.26 20.15
N LYS A 40 -1.92 -2.13 19.72
CA LYS A 40 -1.19 -3.02 20.62
C LYS A 40 -0.14 -2.24 21.40
N LYS A 41 0.62 -1.45 20.70
CA LYS A 41 1.74 -0.75 21.26
C LYS A 41 1.34 0.69 21.53
N PRO A 42 2.06 1.39 22.42
CA PRO A 42 1.83 2.82 22.68
C PRO A 42 2.51 3.70 21.61
N ALA A 43 2.71 3.14 20.45
CA ALA A 43 3.38 3.78 19.37
C ALA A 43 2.37 4.35 18.40
N LEU A 44 2.74 5.42 17.77
CA LEU A 44 1.94 6.08 16.79
C LEU A 44 2.86 6.47 15.67
N GLY A 1 22.62 -4.60 -6.69
CA GLY A 1 21.26 -4.38 -7.19
C GLY A 1 20.27 -4.93 -6.21
N PRO A 2 18.96 -4.62 -6.36
CA PRO A 2 17.91 -5.15 -5.48
C PRO A 2 17.91 -6.68 -5.51
N GLY A 3 17.93 -7.27 -6.70
CA GLY A 3 18.02 -8.70 -6.81
C GLY A 3 16.68 -9.35 -6.66
N SER A 4 15.91 -9.33 -7.75
CA SER A 4 14.58 -9.91 -7.83
C SER A 4 13.53 -9.05 -7.14
N GLU A 5 13.97 -8.18 -6.23
CA GLU A 5 13.09 -7.22 -5.59
C GLU A 5 12.67 -6.21 -6.65
N ASP A 6 13.59 -5.99 -7.59
CA ASP A 6 13.43 -5.04 -8.70
C ASP A 6 12.37 -5.49 -9.70
N ASP A 7 11.91 -6.71 -9.59
CA ASP A 7 10.82 -7.22 -10.43
C ASP A 7 9.69 -7.71 -9.56
N ASP A 8 9.83 -7.52 -8.26
CA ASP A 8 8.83 -7.95 -7.32
C ASP A 8 8.03 -6.78 -6.84
N ILE A 9 8.75 -5.79 -6.40
CA ILE A 9 8.17 -4.59 -5.85
C ILE A 9 8.22 -3.50 -6.90
N ASP A 10 7.07 -3.10 -7.40
CA ASP A 10 7.05 -1.99 -8.30
C ASP A 10 6.74 -0.77 -7.46
N LEU A 11 7.26 0.36 -7.81
CA LEU A 11 7.04 1.55 -7.01
C LEU A 11 5.93 2.42 -7.60
N PHE A 12 5.57 2.15 -8.84
CA PHE A 12 4.62 3.01 -9.53
C PHE A 12 3.46 2.20 -10.11
N GLY A 13 3.76 0.99 -10.51
CA GLY A 13 2.80 0.19 -11.21
C GLY A 13 3.08 0.34 -12.69
N SER A 14 2.73 -0.61 -13.49
CA SER A 14 3.01 -0.49 -14.90
C SER A 14 1.83 0.18 -15.64
N ASP A 15 0.72 0.28 -14.94
CA ASP A 15 -0.46 0.98 -15.42
C ASP A 15 -1.15 1.63 -14.25
N ASN A 16 -1.66 0.77 -13.37
CA ASN A 16 -2.42 1.06 -12.13
C ASN A 16 -3.49 -0.01 -11.99
N GLU A 17 -4.04 -0.40 -13.13
CA GLU A 17 -5.12 -1.37 -13.16
C GLU A 17 -4.59 -2.77 -13.10
N GLU A 18 -3.33 -2.92 -13.41
CA GLU A 18 -2.69 -4.17 -13.34
C GLU A 18 -2.19 -4.44 -11.94
N GLU A 19 -1.70 -3.40 -11.32
CA GLU A 19 -1.31 -3.42 -9.94
C GLU A 19 -2.54 -3.16 -9.05
N ASP A 20 -3.72 -3.35 -9.62
CA ASP A 20 -4.99 -3.24 -8.86
C ASP A 20 -4.96 -4.25 -7.73
N LYS A 21 -4.25 -5.35 -7.98
CA LYS A 21 -3.92 -6.36 -6.99
C LYS A 21 -3.39 -5.69 -5.73
N GLU A 22 -2.38 -4.88 -5.89
CA GLU A 22 -1.73 -4.27 -4.78
C GLU A 22 -2.41 -3.04 -4.29
N ALA A 23 -3.22 -2.44 -5.14
CA ALA A 23 -4.04 -1.33 -4.71
C ALA A 23 -4.88 -1.81 -3.52
N ALA A 24 -5.44 -3.00 -3.67
CA ALA A 24 -6.22 -3.65 -2.61
C ALA A 24 -5.30 -4.24 -1.54
N GLN A 25 -4.32 -5.08 -1.95
CA GLN A 25 -3.42 -5.76 -1.01
C GLN A 25 -2.70 -4.80 -0.08
N LEU A 26 -1.99 -3.85 -0.66
CA LEU A 26 -1.25 -2.86 0.13
C LEU A 26 -2.20 -2.10 1.01
N ARG A 27 -3.29 -1.67 0.44
CA ARG A 27 -4.35 -0.99 1.18
C ARG A 27 -4.76 -1.78 2.44
N GLU A 28 -5.26 -2.98 2.24
CA GLU A 28 -5.80 -3.79 3.33
C GLU A 28 -4.75 -4.18 4.35
N GLU A 29 -3.60 -4.60 3.88
CA GLU A 29 -2.55 -5.06 4.76
C GLU A 29 -1.93 -3.91 5.53
N ARG A 30 -1.67 -2.80 4.84
CA ARG A 30 -1.06 -1.67 5.51
C ARG A 30 -2.02 -1.01 6.48
N LEU A 31 -3.32 -1.01 6.18
CA LEU A 31 -4.26 -0.42 7.12
C LEU A 31 -4.46 -1.34 8.32
N ARG A 32 -4.33 -2.64 8.10
CA ARG A 32 -4.42 -3.61 9.18
C ARG A 32 -3.22 -3.42 10.09
N GLN A 33 -2.04 -3.39 9.50
CA GLN A 33 -0.82 -3.21 10.24
C GLN A 33 -0.80 -1.86 10.93
N TYR A 34 -1.37 -0.86 10.27
CA TYR A 34 -1.47 0.48 10.84
C TYR A 34 -2.30 0.44 12.11
N ALA A 35 -3.38 -0.30 12.08
CA ALA A 35 -4.25 -0.44 13.22
C ALA A 35 -3.53 -1.21 14.33
N GLU A 36 -3.11 -2.42 13.99
CA GLU A 36 -2.48 -3.34 14.94
C GLU A 36 -1.21 -2.77 15.56
N LYS A 37 -0.25 -2.38 14.71
CA LYS A 37 1.05 -1.91 15.17
C LYS A 37 0.94 -0.64 15.97
N LYS A 38 0.02 0.23 15.61
CA LYS A 38 -0.13 1.49 16.32
C LYS A 38 -0.94 1.31 17.60
N ALA A 39 -1.47 0.12 17.78
CA ALA A 39 -2.16 -0.23 19.00
C ALA A 39 -1.30 -1.19 19.81
N LYS A 40 -0.09 -1.42 19.34
CA LYS A 40 0.86 -2.30 19.99
C LYS A 40 2.13 -1.55 20.35
N LYS A 41 2.58 -0.76 19.44
CA LYS A 41 3.73 0.05 19.65
C LYS A 41 3.25 1.44 20.01
N PRO A 42 3.89 2.09 20.97
CA PRO A 42 3.53 3.48 21.37
C PRO A 42 3.94 4.53 20.31
N ALA A 43 3.88 4.16 19.05
CA ALA A 43 4.28 5.03 17.97
C ALA A 43 3.20 5.10 16.91
N LEU A 44 2.42 6.16 16.97
CA LEU A 44 1.37 6.40 16.00
C LEU A 44 1.97 6.89 14.71
N GLY A 1 7.58 14.79 -3.87
CA GLY A 1 6.78 14.26 -2.79
C GLY A 1 6.05 13.04 -3.24
N PRO A 2 4.76 12.90 -2.92
CA PRO A 2 3.97 11.74 -3.32
C PRO A 2 3.73 11.72 -4.82
N GLY A 3 4.00 10.61 -5.44
CA GLY A 3 3.75 10.45 -6.86
C GLY A 3 2.32 10.01 -7.06
N SER A 4 2.12 8.85 -7.62
CA SER A 4 0.78 8.28 -7.76
C SER A 4 0.43 7.57 -6.43
N GLU A 5 0.51 8.33 -5.37
CA GLU A 5 0.29 7.81 -4.05
C GLU A 5 -0.99 8.32 -3.46
N ASP A 6 -1.65 9.20 -4.16
CA ASP A 6 -2.91 9.76 -3.68
C ASP A 6 -4.01 9.44 -4.67
N ASP A 7 -3.69 9.56 -5.94
CA ASP A 7 -4.62 9.25 -7.06
C ASP A 7 -4.46 7.77 -7.49
N ASP A 8 -3.78 7.04 -6.66
CA ASP A 8 -3.43 5.69 -6.88
C ASP A 8 -2.89 5.25 -5.54
N ILE A 9 -2.14 4.22 -5.49
CA ILE A 9 -1.77 3.63 -4.24
C ILE A 9 -0.27 3.53 -4.11
N ASP A 10 0.35 2.74 -4.94
CA ASP A 10 1.77 2.54 -4.81
C ASP A 10 2.41 2.38 -6.16
N LEU A 11 3.55 2.98 -6.30
CA LEU A 11 4.32 2.99 -7.54
C LEU A 11 5.01 1.65 -7.85
N PHE A 12 4.97 0.70 -6.93
CA PHE A 12 5.58 -0.58 -7.20
C PHE A 12 4.65 -1.42 -8.08
N GLY A 13 3.41 -0.99 -8.19
CA GLY A 13 2.49 -1.65 -9.10
C GLY A 13 2.89 -1.36 -10.53
N SER A 14 2.66 -2.29 -11.42
CA SER A 14 3.05 -2.09 -12.79
C SER A 14 2.13 -1.05 -13.47
N ASP A 15 0.87 -1.37 -13.61
CA ASP A 15 -0.12 -0.40 -14.10
C ASP A 15 -0.85 0.10 -12.87
N ASN A 16 -1.15 -0.88 -12.03
CA ASN A 16 -1.78 -0.74 -10.72
C ASN A 16 -3.30 -0.86 -10.80
N GLU A 17 -3.86 -0.63 -11.98
CA GLU A 17 -5.28 -0.82 -12.16
C GLU A 17 -5.51 -2.28 -12.46
N GLU A 18 -4.54 -2.87 -13.13
CA GLU A 18 -4.55 -4.28 -13.41
C GLU A 18 -3.94 -5.06 -12.24
N GLU A 19 -3.15 -4.35 -11.46
CA GLU A 19 -2.53 -4.82 -10.23
C GLU A 19 -3.53 -4.66 -9.08
N ASP A 20 -4.82 -4.70 -9.41
CA ASP A 20 -5.96 -4.54 -8.45
C ASP A 20 -5.75 -5.34 -7.17
N LYS A 21 -5.17 -6.53 -7.33
CA LYS A 21 -4.74 -7.38 -6.23
C LYS A 21 -3.96 -6.59 -5.17
N GLU A 22 -2.91 -5.89 -5.58
CA GLU A 22 -2.10 -5.13 -4.68
C GLU A 22 -2.57 -3.76 -4.46
N ALA A 23 -3.38 -3.25 -5.39
CA ALA A 23 -4.02 -1.98 -5.18
C ALA A 23 -4.80 -2.07 -3.89
N ALA A 24 -5.49 -3.19 -3.72
CA ALA A 24 -6.24 -3.50 -2.54
C ALA A 24 -5.33 -3.92 -1.39
N GLN A 25 -4.39 -4.87 -1.64
CA GLN A 25 -3.50 -5.35 -0.58
C GLN A 25 -2.70 -4.25 0.04
N LEU A 26 -1.89 -3.57 -0.77
CA LEU A 26 -1.01 -2.50 -0.28
C LEU A 26 -1.80 -1.44 0.45
N ARG A 27 -2.92 -1.12 -0.12
CA ARG A 27 -3.88 -0.21 0.48
C ARG A 27 -4.29 -0.68 1.89
N GLU A 28 -4.90 -1.87 1.98
CA GLU A 28 -5.41 -2.34 3.24
C GLU A 28 -4.30 -2.74 4.19
N GLU A 29 -3.36 -3.54 3.72
CA GLU A 29 -2.33 -4.11 4.57
C GLU A 29 -1.50 -3.06 5.25
N ARG A 30 -1.17 -2.00 4.54
CA ARG A 30 -0.35 -0.98 5.14
C ARG A 30 -1.10 -0.20 6.22
N LEU A 31 -2.40 0.04 6.02
CA LEU A 31 -3.18 0.70 7.06
C LEU A 31 -3.58 -0.31 8.16
N ARG A 32 -3.66 -1.57 7.77
CA ARG A 32 -4.04 -2.66 8.66
C ARG A 32 -2.91 -2.94 9.64
N GLN A 33 -1.67 -2.97 9.11
CA GLN A 33 -0.47 -3.14 9.93
C GLN A 33 -0.40 -2.01 10.94
N TYR A 34 -0.65 -0.81 10.43
CA TYR A 34 -0.66 0.41 11.22
C TYR A 34 -1.65 0.27 12.38
N ALA A 35 -2.85 -0.20 12.07
CA ALA A 35 -3.90 -0.42 13.06
C ALA A 35 -3.50 -1.48 14.09
N GLU A 36 -2.93 -2.59 13.61
CA GLU A 36 -2.50 -3.67 14.48
C GLU A 36 -1.38 -3.24 15.43
N LYS A 37 -0.40 -2.53 14.90
CA LYS A 37 0.72 -2.04 15.72
C LYS A 37 0.20 -1.09 16.79
N LYS A 38 -0.73 -0.25 16.41
CA LYS A 38 -1.35 0.71 17.32
C LYS A 38 -2.31 0.03 18.31
N ALA A 39 -2.59 -1.24 18.10
CA ALA A 39 -3.42 -2.01 19.01
C ALA A 39 -2.53 -2.70 20.05
N LYS A 40 -1.35 -3.12 19.62
CA LYS A 40 -0.37 -3.71 20.54
C LYS A 40 0.27 -2.64 21.40
N LYS A 41 0.49 -1.49 20.83
CA LYS A 41 1.05 -0.37 21.55
C LYS A 41 -0.02 0.34 22.36
N PRO A 42 0.28 0.72 23.60
CA PRO A 42 -0.64 1.48 24.43
C PRO A 42 -0.52 2.98 24.15
N ALA A 43 -1.14 3.80 24.98
CA ALA A 43 -1.09 5.24 24.82
C ALA A 43 0.31 5.78 25.06
N LEU A 44 1.07 5.07 25.87
CA LEU A 44 2.42 5.41 26.15
C LEU A 44 3.37 4.39 25.51
N GLY A 1 1.87 13.73 6.76
CA GLY A 1 1.40 14.16 5.45
C GLY A 1 0.75 13.02 4.73
N PRO A 2 1.04 12.82 3.45
CA PRO A 2 0.44 11.74 2.68
C PRO A 2 1.07 10.40 3.05
N GLY A 3 0.31 9.61 3.76
CA GLY A 3 0.80 8.32 4.18
C GLY A 3 0.85 7.33 3.05
N SER A 4 -0.29 7.02 2.49
CA SER A 4 -0.36 6.06 1.42
C SER A 4 -0.96 6.68 0.16
N GLU A 5 -1.09 8.00 0.18
CA GLU A 5 -1.73 8.73 -0.92
C GLU A 5 -0.89 8.72 -2.20
N ASP A 6 0.41 8.70 -2.04
CA ASP A 6 1.32 8.72 -3.20
C ASP A 6 1.78 7.34 -3.49
N ASP A 7 1.98 6.56 -2.43
CA ASP A 7 2.41 5.14 -2.52
C ASP A 7 1.32 4.30 -3.19
N ASP A 8 0.16 4.92 -3.32
CA ASP A 8 -1.00 4.40 -4.02
C ASP A 8 -0.71 4.20 -5.51
N ILE A 9 0.14 5.04 -6.02
CA ILE A 9 0.48 5.01 -7.43
C ILE A 9 1.70 4.15 -7.64
N ASP A 10 1.50 2.97 -8.19
CA ASP A 10 2.61 2.09 -8.47
C ASP A 10 3.11 2.34 -9.88
N LEU A 11 4.40 2.43 -10.04
CA LEU A 11 5.01 2.76 -11.32
C LEU A 11 5.48 1.51 -12.07
N PHE A 12 5.49 0.38 -11.39
CA PHE A 12 6.05 -0.82 -11.97
C PHE A 12 4.98 -1.65 -12.64
N GLY A 13 3.76 -1.47 -12.22
CA GLY A 13 2.64 -2.06 -12.90
C GLY A 13 2.47 -1.43 -14.25
N SER A 14 1.76 -2.08 -15.13
CA SER A 14 1.57 -1.56 -16.46
C SER A 14 0.48 -0.48 -16.43
N ASP A 15 -0.31 -0.55 -15.40
CA ASP A 15 -1.36 0.39 -15.12
C ASP A 15 -1.72 0.18 -13.67
N ASN A 16 -2.41 1.09 -13.09
CA ASN A 16 -2.75 1.00 -11.68
C ASN A 16 -3.97 0.19 -11.50
N GLU A 17 -4.83 0.19 -12.50
CA GLU A 17 -6.03 -0.58 -12.41
C GLU A 17 -5.76 -2.03 -12.80
N GLU A 18 -4.61 -2.26 -13.41
CA GLU A 18 -4.24 -3.60 -13.77
C GLU A 18 -3.50 -4.26 -12.61
N GLU A 19 -2.68 -3.48 -11.91
CA GLU A 19 -1.99 -3.90 -10.70
C GLU A 19 -2.93 -3.68 -9.48
N ASP A 20 -4.20 -3.45 -9.77
CA ASP A 20 -5.27 -3.22 -8.77
C ASP A 20 -5.30 -4.31 -7.72
N LYS A 21 -4.84 -5.48 -8.13
CA LYS A 21 -4.63 -6.62 -7.28
C LYS A 21 -3.84 -6.21 -6.00
N GLU A 22 -2.74 -5.50 -6.18
CA GLU A 22 -1.96 -5.07 -5.05
C GLU A 22 -2.44 -3.79 -4.51
N ALA A 23 -3.16 -3.02 -5.31
CA ALA A 23 -3.76 -1.79 -4.84
C ALA A 23 -4.64 -2.11 -3.64
N ALA A 24 -5.31 -3.25 -3.70
CA ALA A 24 -6.10 -3.76 -2.62
C ALA A 24 -5.21 -4.34 -1.52
N GLN A 25 -4.31 -5.26 -1.90
CA GLN A 25 -3.38 -5.93 -0.95
C GLN A 25 -2.61 -4.94 -0.10
N LEU A 26 -1.87 -4.05 -0.75
CA LEU A 26 -1.07 -3.04 -0.07
C LEU A 26 -1.96 -2.18 0.81
N ARG A 27 -3.04 -1.69 0.23
CA ARG A 27 -4.03 -0.85 0.92
C ARG A 27 -4.47 -1.46 2.25
N GLU A 28 -5.00 -2.68 2.18
CA GLU A 28 -5.53 -3.34 3.35
C GLU A 28 -4.44 -3.62 4.35
N GLU A 29 -3.28 -4.00 3.88
CA GLU A 29 -2.18 -4.29 4.76
C GLU A 29 -1.67 -3.06 5.47
N ARG A 30 -1.53 -1.95 4.75
CA ARG A 30 -1.09 -0.69 5.37
C ARG A 30 -2.01 -0.31 6.52
N LEU A 31 -3.31 -0.29 6.24
CA LEU A 31 -4.28 0.14 7.22
C LEU A 31 -4.46 -0.85 8.37
N ARG A 32 -4.36 -2.15 8.10
CA ARG A 32 -4.49 -3.09 9.19
C ARG A 32 -3.22 -3.16 10.01
N GLN A 33 -2.04 -3.00 9.36
CA GLN A 33 -0.78 -2.95 10.08
C GLN A 33 -0.73 -1.76 10.98
N TYR A 34 -1.27 -0.65 10.49
CA TYR A 34 -1.31 0.58 11.23
C TYR A 34 -2.11 0.34 12.52
N ALA A 35 -3.26 -0.28 12.37
CA ALA A 35 -4.10 -0.60 13.50
C ALA A 35 -3.39 -1.60 14.43
N GLU A 36 -2.90 -2.71 13.87
CA GLU A 36 -2.24 -3.77 14.62
C GLU A 36 -1.03 -3.25 15.41
N LYS A 37 -0.15 -2.55 14.74
CA LYS A 37 1.11 -2.14 15.34
C LYS A 37 1.01 -0.89 16.21
N LYS A 38 -0.03 -0.08 16.02
CA LYS A 38 -0.23 1.08 16.91
C LYS A 38 -1.02 0.69 18.14
N ALA A 39 -2.08 -0.10 17.96
CA ALA A 39 -2.93 -0.50 19.08
C ALA A 39 -2.22 -1.51 19.95
N LYS A 40 -1.44 -2.37 19.34
CA LYS A 40 -0.67 -3.37 20.05
C LYS A 40 0.79 -3.05 19.95
N LYS A 41 1.09 -1.77 20.03
CA LYS A 41 2.45 -1.28 20.01
C LYS A 41 3.16 -1.76 21.28
N PRO A 42 4.46 -2.00 21.23
CA PRO A 42 5.25 -2.30 22.41
C PRO A 42 5.35 -1.06 23.29
N ALA A 43 4.34 -0.86 24.10
CA ALA A 43 4.27 0.27 24.95
C ALA A 43 4.92 -0.04 26.26
N LEU A 44 6.14 0.40 26.38
CA LEU A 44 6.89 0.23 27.56
C LEU A 44 7.15 1.60 28.13
N GLY A 1 7.30 14.48 2.29
CA GLY A 1 6.69 13.43 3.12
C GLY A 1 5.55 12.79 2.39
N PRO A 2 5.62 11.48 2.07
CA PRO A 2 4.62 10.82 1.25
C PRO A 2 3.35 10.42 2.02
N GLY A 3 2.88 11.29 2.89
CA GLY A 3 1.66 11.00 3.65
C GLY A 3 0.44 11.02 2.76
N SER A 4 0.38 11.98 1.89
CA SER A 4 -0.71 12.09 0.94
C SER A 4 -0.23 11.79 -0.47
N GLU A 5 1.05 11.49 -0.59
CA GLU A 5 1.64 11.26 -1.89
C GLU A 5 1.84 9.77 -2.13
N ASP A 6 1.58 8.98 -1.12
CA ASP A 6 1.82 7.54 -1.17
C ASP A 6 0.93 6.86 -2.21
N ASP A 7 -0.34 7.19 -2.16
CA ASP A 7 -1.32 6.61 -3.10
C ASP A 7 -1.41 7.49 -4.33
N ASP A 8 -0.60 8.52 -4.36
CA ASP A 8 -0.61 9.51 -5.42
C ASP A 8 0.42 9.16 -6.46
N ILE A 9 1.63 8.97 -6.01
CA ILE A 9 2.75 8.68 -6.86
C ILE A 9 2.74 7.23 -7.28
N ASP A 10 2.43 7.00 -8.51
CA ASP A 10 2.45 5.68 -9.09
C ASP A 10 3.43 5.69 -10.24
N LEU A 11 4.51 4.97 -10.05
CA LEU A 11 5.60 4.99 -10.98
C LEU A 11 5.80 3.66 -11.72
N PHE A 12 5.65 2.55 -11.02
CA PHE A 12 5.89 1.26 -11.65
C PHE A 12 4.62 0.47 -11.87
N GLY A 13 3.51 1.13 -11.80
CA GLY A 13 2.28 0.49 -12.13
C GLY A 13 2.05 0.57 -13.62
N SER A 14 2.07 -0.57 -14.29
CA SER A 14 1.82 -0.62 -15.71
C SER A 14 0.40 -0.14 -15.98
N ASP A 15 -0.50 -0.60 -15.15
CA ASP A 15 -1.86 -0.20 -15.18
C ASP A 15 -2.41 -0.43 -13.80
N ASN A 16 -3.19 0.48 -13.31
CA ASN A 16 -3.68 0.40 -11.95
C ASN A 16 -4.88 -0.50 -11.85
N GLU A 17 -5.58 -0.64 -12.94
CA GLU A 17 -6.71 -1.49 -12.99
C GLU A 17 -6.21 -2.94 -13.11
N GLU A 18 -5.03 -3.11 -13.69
CA GLU A 18 -4.43 -4.41 -13.81
C GLU A 18 -3.83 -4.82 -12.46
N GLU A 19 -3.14 -3.88 -11.83
CA GLU A 19 -2.52 -4.07 -10.53
C GLU A 19 -3.51 -3.81 -9.39
N ASP A 20 -4.77 -3.80 -9.75
CA ASP A 20 -5.91 -3.65 -8.81
C ASP A 20 -5.76 -4.59 -7.62
N LYS A 21 -5.17 -5.77 -7.91
CA LYS A 21 -4.81 -6.74 -6.89
C LYS A 21 -3.99 -6.09 -5.76
N GLU A 22 -2.88 -5.44 -6.10
CA GLU A 22 -2.02 -4.87 -5.11
C GLU A 22 -2.50 -3.56 -4.63
N ALA A 23 -3.29 -2.89 -5.45
CA ALA A 23 -3.89 -1.65 -5.03
C ALA A 23 -4.70 -1.92 -3.75
N ALA A 24 -5.49 -2.97 -3.79
CA ALA A 24 -6.29 -3.39 -2.67
C ALA A 24 -5.46 -4.14 -1.60
N GLN A 25 -4.55 -5.02 -2.04
CA GLN A 25 -3.71 -5.80 -1.13
C GLN A 25 -2.76 -4.95 -0.30
N LEU A 26 -1.88 -4.19 -0.96
CA LEU A 26 -0.95 -3.29 -0.25
C LEU A 26 -1.70 -2.39 0.66
N ARG A 27 -2.77 -1.84 0.13
CA ARG A 27 -3.66 -0.98 0.87
C ARG A 27 -4.12 -1.61 2.19
N GLU A 28 -4.78 -2.77 2.10
CA GLU A 28 -5.38 -3.40 3.26
C GLU A 28 -4.34 -3.79 4.29
N GLU A 29 -3.20 -4.27 3.83
CA GLU A 29 -2.15 -4.70 4.74
C GLU A 29 -1.55 -3.52 5.48
N ARG A 30 -1.22 -2.47 4.75
CA ARG A 30 -0.55 -1.33 5.34
C ARG A 30 -1.47 -0.54 6.27
N LEU A 31 -2.76 -0.44 5.93
CA LEU A 31 -3.70 0.24 6.81
C LEU A 31 -3.95 -0.57 8.08
N ARG A 32 -3.83 -1.89 7.96
CA ARG A 32 -3.96 -2.73 9.12
C ARG A 32 -2.75 -2.67 9.97
N GLN A 33 -1.58 -2.55 9.35
CA GLN A 33 -0.32 -2.39 10.08
C GLN A 33 -0.41 -1.20 11.03
N TYR A 34 -0.94 -0.12 10.51
CA TYR A 34 -1.16 1.10 11.28
C TYR A 34 -2.05 0.81 12.50
N ALA A 35 -3.08 0.03 12.28
CA ALA A 35 -4.03 -0.32 13.31
C ALA A 35 -3.44 -1.31 14.32
N GLU A 36 -3.01 -2.46 13.80
CA GLU A 36 -2.51 -3.59 14.58
C GLU A 36 -1.32 -3.22 15.44
N LYS A 37 -0.39 -2.43 14.90
CA LYS A 37 0.77 -2.01 15.64
C LYS A 37 0.38 -1.14 16.80
N LYS A 38 -0.35 -0.06 16.54
CA LYS A 38 -0.70 0.91 17.59
C LYS A 38 -1.80 0.39 18.55
N ALA A 39 -2.34 -0.78 18.26
CA ALA A 39 -3.29 -1.40 19.14
C ALA A 39 -2.56 -2.19 20.22
N LYS A 40 -1.49 -2.86 19.81
CA LYS A 40 -0.69 -3.68 20.71
C LYS A 40 0.36 -2.80 21.39
N LYS A 41 0.95 -1.95 20.62
CA LYS A 41 1.95 -1.02 21.06
C LYS A 41 1.19 0.22 21.52
N PRO A 42 1.74 1.03 22.43
CA PRO A 42 1.12 2.30 22.80
C PRO A 42 1.00 3.21 21.58
N ALA A 43 0.10 4.18 21.63
CA ALA A 43 -0.12 5.07 20.51
C ALA A 43 1.02 6.07 20.35
N LEU A 44 2.07 5.61 19.72
CA LEU A 44 3.25 6.36 19.43
C LEU A 44 3.85 5.83 18.16
N GLY A 1 5.11 2.09 -20.00
CA GLY A 1 4.97 0.65 -19.85
C GLY A 1 5.96 -0.07 -20.72
N PRO A 2 5.92 -1.41 -20.73
CA PRO A 2 6.85 -2.23 -21.51
C PRO A 2 6.61 -2.11 -23.02
N GLY A 3 7.67 -2.12 -23.77
CA GLY A 3 7.55 -2.15 -25.22
C GLY A 3 7.65 -3.57 -25.71
N SER A 4 8.82 -3.96 -26.15
CA SER A 4 9.09 -5.32 -26.58
C SER A 4 9.55 -6.14 -25.36
N GLU A 5 9.51 -5.48 -24.23
CA GLU A 5 9.86 -6.04 -22.93
C GLU A 5 8.73 -6.94 -22.45
N ASP A 6 7.52 -6.58 -22.86
CA ASP A 6 6.25 -7.30 -22.63
C ASP A 6 5.99 -7.68 -21.19
N ASP A 7 6.44 -8.84 -20.82
CA ASP A 7 6.17 -9.39 -19.50
C ASP A 7 7.31 -9.06 -18.56
N ASP A 8 8.40 -8.57 -19.10
CA ASP A 8 9.63 -8.45 -18.32
C ASP A 8 9.69 -7.16 -17.52
N ILE A 9 9.13 -6.10 -18.05
CA ILE A 9 9.29 -4.78 -17.41
C ILE A 9 7.98 -4.05 -17.23
N ASP A 10 7.40 -4.18 -16.08
CA ASP A 10 6.32 -3.31 -15.66
C ASP A 10 6.50 -3.14 -14.19
N LEU A 11 6.76 -1.93 -13.78
CA LEU A 11 7.06 -1.66 -12.38
C LEU A 11 5.94 -0.85 -11.71
N PHE A 12 4.90 -0.54 -12.45
CA PHE A 12 3.86 0.33 -11.91
C PHE A 12 2.47 -0.24 -12.08
N GLY A 13 2.24 -0.85 -13.20
CA GLY A 13 0.93 -1.26 -13.57
C GLY A 13 0.44 -0.32 -14.62
N SER A 14 0.94 -0.49 -15.83
CA SER A 14 0.67 0.41 -16.96
C SER A 14 -0.82 0.58 -17.26
N ASP A 15 -1.55 -0.52 -17.26
CA ASP A 15 -2.99 -0.47 -17.53
C ASP A 15 -3.68 0.13 -16.32
N ASN A 16 -3.10 -0.15 -15.16
CA ASN A 16 -3.46 0.38 -13.82
C ASN A 16 -4.62 -0.39 -13.20
N GLU A 17 -5.44 -0.98 -14.04
CA GLU A 17 -6.57 -1.73 -13.61
C GLU A 17 -6.16 -3.13 -13.25
N GLU A 18 -5.06 -3.55 -13.84
CA GLU A 18 -4.53 -4.85 -13.61
C GLU A 18 -3.76 -4.94 -12.29
N GLU A 19 -2.95 -3.94 -12.02
CA GLU A 19 -2.17 -3.89 -10.78
C GLU A 19 -3.05 -3.43 -9.59
N ASP A 20 -4.34 -3.26 -9.85
CA ASP A 20 -5.32 -2.90 -8.79
C ASP A 20 -5.31 -3.96 -7.70
N LYS A 21 -4.86 -5.17 -8.08
CA LYS A 21 -4.60 -6.27 -7.16
C LYS A 21 -3.83 -5.78 -5.92
N GLU A 22 -2.69 -5.13 -6.13
CA GLU A 22 -1.89 -4.67 -5.04
C GLU A 22 -2.25 -3.32 -4.59
N ALA A 23 -2.91 -2.55 -5.43
CA ALA A 23 -3.43 -1.28 -4.99
C ALA A 23 -4.32 -1.52 -3.78
N ALA A 24 -5.13 -2.58 -3.89
CA ALA A 24 -6.01 -3.04 -2.82
C ALA A 24 -5.26 -3.87 -1.77
N GLN A 25 -4.50 -4.89 -2.20
CA GLN A 25 -3.77 -5.76 -1.27
C GLN A 25 -2.81 -5.04 -0.36
N LEU A 26 -1.97 -4.20 -0.93
CA LEU A 26 -1.05 -3.39 -0.12
C LEU A 26 -1.86 -2.51 0.79
N ARG A 27 -2.82 -1.82 0.21
CA ARG A 27 -3.75 -0.92 0.93
C ARG A 27 -4.36 -1.59 2.17
N GLU A 28 -4.98 -2.74 1.96
CA GLU A 28 -5.66 -3.42 3.02
C GLU A 28 -4.72 -4.02 4.02
N GLU A 29 -3.62 -4.59 3.56
CA GLU A 29 -2.67 -5.17 4.50
C GLU A 29 -2.02 -4.11 5.36
N ARG A 30 -1.76 -2.95 4.78
CA ARG A 30 -1.17 -1.84 5.52
C ARG A 30 -2.09 -1.38 6.63
N LEU A 31 -3.41 -1.26 6.36
CA LEU A 31 -4.35 -0.81 7.38
C LEU A 31 -4.48 -1.81 8.53
N ARG A 32 -4.23 -3.09 8.23
CA ARG A 32 -4.24 -4.14 9.26
C ARG A 32 -3.08 -3.87 10.21
N GLN A 33 -1.94 -3.58 9.62
CA GLN A 33 -0.70 -3.30 10.33
C GLN A 33 -0.81 -2.00 11.10
N TYR A 34 -1.46 -1.04 10.49
CA TYR A 34 -1.69 0.25 11.06
C TYR A 34 -2.51 0.16 12.34
N ALA A 35 -3.42 -0.81 12.40
CA ALA A 35 -4.19 -1.04 13.60
C ALA A 35 -3.24 -1.53 14.68
N GLU A 36 -2.48 -2.55 14.35
CA GLU A 36 -1.54 -3.19 15.26
C GLU A 36 -0.48 -2.22 15.76
N LYS A 37 0.08 -1.47 14.84
CA LYS A 37 1.16 -0.58 15.15
C LYS A 37 0.74 0.64 15.96
N LYS A 38 -0.53 0.97 15.96
CA LYS A 38 -0.98 1.95 16.94
C LYS A 38 -1.39 1.28 18.25
N ALA A 39 -2.04 0.13 18.16
CA ALA A 39 -2.51 -0.62 19.33
C ALA A 39 -1.35 -1.09 20.22
N LYS A 40 -0.35 -1.70 19.62
CA LYS A 40 0.80 -2.15 20.38
C LYS A 40 1.89 -1.10 20.30
N LYS A 41 2.09 -0.61 19.07
CA LYS A 41 3.15 0.32 18.71
C LYS A 41 4.50 -0.40 18.60
N PRO A 42 5.42 0.09 17.74
CA PRO A 42 6.73 -0.53 17.55
C PRO A 42 7.70 -0.17 18.68
N ALA A 43 7.19 -0.20 19.90
CA ALA A 43 7.98 0.09 21.06
C ALA A 43 8.67 -1.17 21.51
N LEU A 44 9.77 -1.46 20.87
CA LEU A 44 10.58 -2.61 21.14
C LEU A 44 12.03 -2.17 21.19
N GLY A 1 22.65 5.37 -14.83
CA GLY A 1 21.36 5.69 -14.23
C GLY A 1 20.26 5.05 -15.01
N PRO A 2 19.11 4.76 -14.39
CA PRO A 2 17.99 4.14 -15.07
C PRO A 2 17.37 5.07 -16.12
N GLY A 3 17.76 4.87 -17.34
CA GLY A 3 17.22 5.64 -18.43
C GLY A 3 16.22 4.82 -19.17
N SER A 4 16.68 3.73 -19.73
CA SER A 4 15.84 2.84 -20.49
C SER A 4 14.83 2.15 -19.58
N GLU A 5 15.25 1.90 -18.35
CA GLU A 5 14.41 1.25 -17.35
C GLU A 5 13.30 2.18 -16.88
N ASP A 6 13.46 3.44 -17.15
CA ASP A 6 12.51 4.45 -16.71
C ASP A 6 11.64 4.88 -17.88
N ASP A 7 12.29 5.12 -19.00
CA ASP A 7 11.62 5.61 -20.20
C ASP A 7 10.95 4.50 -21.02
N ASP A 8 11.67 3.44 -21.30
CA ASP A 8 11.15 2.36 -22.16
C ASP A 8 10.22 1.46 -21.40
N ILE A 9 10.59 1.16 -20.21
CA ILE A 9 9.84 0.28 -19.37
C ILE A 9 8.61 1.00 -18.84
N ASP A 10 7.47 0.35 -18.97
CA ASP A 10 6.22 0.88 -18.48
C ASP A 10 6.23 0.94 -16.96
N LEU A 11 5.82 2.07 -16.46
CA LEU A 11 5.89 2.34 -15.04
C LEU A 11 4.60 1.97 -14.34
N PHE A 12 3.50 2.18 -15.00
CA PHE A 12 2.20 1.88 -14.42
C PHE A 12 1.73 0.50 -14.83
N GLY A 13 2.38 -0.04 -15.82
CA GLY A 13 2.03 -1.34 -16.28
C GLY A 13 1.23 -1.29 -17.54
N SER A 14 0.52 -2.34 -17.82
CA SER A 14 -0.25 -2.43 -19.02
C SER A 14 -1.62 -1.82 -18.83
N ASP A 15 -2.21 -2.08 -17.69
CA ASP A 15 -3.57 -1.65 -17.42
C ASP A 15 -3.62 -0.92 -16.10
N ASN A 16 -3.09 -1.58 -15.07
CA ASN A 16 -3.01 -1.09 -13.67
C ASN A 16 -4.25 -1.45 -12.88
N GLU A 17 -5.38 -1.56 -13.53
CA GLU A 17 -6.60 -1.83 -12.81
C GLU A 17 -6.73 -3.30 -12.58
N GLU A 18 -6.04 -4.06 -13.41
CA GLU A 18 -5.91 -5.48 -13.20
C GLU A 18 -5.02 -5.74 -11.98
N GLU A 19 -4.19 -4.75 -11.69
CA GLU A 19 -3.30 -4.77 -10.57
C GLU A 19 -4.02 -4.30 -9.28
N ASP A 20 -5.36 -4.14 -9.36
CA ASP A 20 -6.21 -3.77 -8.20
C ASP A 20 -5.99 -4.72 -7.03
N LYS A 21 -5.59 -5.95 -7.37
CA LYS A 21 -5.12 -6.94 -6.40
C LYS A 21 -4.14 -6.29 -5.41
N GLU A 22 -3.10 -5.63 -5.91
CA GLU A 22 -2.15 -5.01 -5.04
C GLU A 22 -2.53 -3.65 -4.63
N ALA A 23 -3.39 -3.02 -5.40
CA ALA A 23 -3.92 -1.74 -4.98
C ALA A 23 -4.64 -1.94 -3.65
N ALA A 24 -5.37 -3.04 -3.56
CA ALA A 24 -6.06 -3.43 -2.37
C ALA A 24 -5.10 -3.99 -1.33
N GLN A 25 -4.29 -5.02 -1.71
CA GLN A 25 -3.36 -5.66 -0.77
C GLN A 25 -2.42 -4.67 -0.12
N LEU A 26 -1.65 -3.97 -0.93
CA LEU A 26 -0.68 -2.99 -0.42
C LEU A 26 -1.36 -1.97 0.47
N ARG A 27 -2.47 -1.47 -0.02
CA ARG A 27 -3.30 -0.53 0.72
C ARG A 27 -3.74 -1.09 2.08
N GLU A 28 -4.38 -2.26 2.05
CA GLU A 28 -4.93 -2.84 3.26
C GLU A 28 -3.87 -3.19 4.26
N GLU A 29 -2.74 -3.68 3.81
CA GLU A 29 -1.63 -4.04 4.69
C GLU A 29 -1.16 -2.82 5.49
N ARG A 30 -1.12 -1.68 4.83
CA ARG A 30 -0.67 -0.45 5.48
C ARG A 30 -1.65 -0.03 6.57
N LEU A 31 -2.93 -0.11 6.28
CA LEU A 31 -3.94 0.29 7.25
C LEU A 31 -4.20 -0.79 8.30
N ARG A 32 -3.90 -2.02 7.94
CA ARG A 32 -4.05 -3.16 8.83
C ARG A 32 -2.95 -3.11 9.87
N GLN A 33 -1.72 -2.91 9.42
CA GLN A 33 -0.58 -2.77 10.29
C GLN A 33 -0.72 -1.56 11.21
N TYR A 34 -1.51 -0.58 10.77
CA TYR A 34 -1.83 0.56 11.59
C TYR A 34 -2.59 0.08 12.83
N ALA A 35 -3.53 -0.81 12.59
CA ALA A 35 -4.34 -1.36 13.64
C ALA A 35 -3.55 -2.38 14.48
N GLU A 36 -2.97 -3.37 13.83
CA GLU A 36 -2.25 -4.44 14.53
C GLU A 36 -0.97 -3.99 15.25
N LYS A 37 -0.21 -3.11 14.66
CA LYS A 37 1.00 -2.66 15.31
C LYS A 37 0.73 -1.56 16.35
N LYS A 38 0.12 -0.47 15.92
CA LYS A 38 -0.09 0.67 16.82
C LYS A 38 -1.37 0.63 17.66
N ALA A 39 -2.51 0.37 17.05
CA ALA A 39 -3.78 0.49 17.78
C ALA A 39 -4.02 -0.65 18.78
N LYS A 40 -4.04 -1.86 18.30
CA LYS A 40 -4.30 -3.00 19.13
C LYS A 40 -2.99 -3.71 19.32
N LYS A 41 -2.36 -3.45 20.42
CA LYS A 41 -1.04 -3.94 20.72
C LYS A 41 -0.98 -4.32 22.19
N PRO A 42 0.09 -5.03 22.63
CA PRO A 42 0.27 -5.37 24.04
C PRO A 42 0.36 -4.14 24.92
N ALA A 43 -0.30 -4.21 26.08
CA ALA A 43 -0.34 -3.14 27.07
C ALA A 43 -0.92 -1.84 26.48
N LEU A 44 -0.63 -0.73 27.10
CA LEU A 44 -1.14 0.53 26.65
C LEU A 44 0.01 1.40 26.15
N GLY A 1 1.10 23.49 -9.90
CA GLY A 1 0.22 22.37 -9.63
C GLY A 1 0.05 21.52 -10.86
N PRO A 2 0.25 20.20 -10.75
CA PRO A 2 0.11 19.31 -11.89
C PRO A 2 -1.34 19.21 -12.36
N GLY A 3 -1.52 19.22 -13.67
CA GLY A 3 -2.86 19.05 -14.20
C GLY A 3 -3.21 17.58 -14.30
N SER A 4 -3.02 17.03 -15.46
CA SER A 4 -3.24 15.62 -15.72
C SER A 4 -1.95 14.85 -15.49
N GLU A 5 -0.91 15.61 -15.11
CA GLU A 5 0.47 15.15 -14.90
C GLU A 5 0.59 14.07 -13.82
N ASP A 6 -0.46 13.80 -13.10
CA ASP A 6 -0.40 12.78 -12.08
C ASP A 6 -0.66 11.42 -12.70
N ASP A 7 -1.84 11.26 -13.23
CA ASP A 7 -2.27 9.98 -13.78
C ASP A 7 -1.75 9.75 -15.19
N ASP A 8 -1.31 10.80 -15.84
CA ASP A 8 -0.68 10.66 -17.17
C ASP A 8 0.67 9.97 -17.02
N ILE A 9 1.26 10.15 -15.87
CA ILE A 9 2.56 9.58 -15.56
C ILE A 9 2.37 8.30 -14.70
N ASP A 10 1.14 7.76 -14.70
CA ASP A 10 0.87 6.49 -14.01
C ASP A 10 1.37 5.36 -14.89
N LEU A 11 2.64 5.14 -14.82
CA LEU A 11 3.32 4.20 -15.67
C LEU A 11 3.46 2.86 -14.97
N PHE A 12 3.47 2.90 -13.65
CA PHE A 12 3.66 1.70 -12.84
C PHE A 12 2.33 0.88 -12.76
N GLY A 13 1.37 1.30 -13.53
CA GLY A 13 0.15 0.59 -13.63
C GLY A 13 -0.11 0.21 -15.05
N SER A 14 -0.06 -1.08 -15.37
CA SER A 14 -0.40 -1.57 -16.70
C SER A 14 -1.85 -1.22 -16.95
N ASP A 15 -2.67 -1.54 -15.99
CA ASP A 15 -4.04 -1.18 -15.94
C ASP A 15 -4.38 -1.15 -14.48
N ASN A 16 -5.24 -0.28 -14.09
CA ASN A 16 -5.51 -0.08 -12.68
C ASN A 16 -6.43 -1.14 -12.14
N GLU A 17 -7.24 -1.69 -12.99
CA GLU A 17 -8.13 -2.71 -12.61
C GLU A 17 -7.39 -4.05 -12.62
N GLU A 18 -6.37 -4.16 -13.46
CA GLU A 18 -5.61 -5.38 -13.55
C GLU A 18 -4.63 -5.47 -12.37
N GLU A 19 -3.94 -4.37 -12.07
CA GLU A 19 -3.02 -4.31 -10.93
C GLU A 19 -3.79 -3.98 -9.63
N ASP A 20 -5.13 -3.94 -9.72
CA ASP A 20 -6.04 -3.64 -8.57
C ASP A 20 -5.74 -4.53 -7.38
N LYS A 21 -5.23 -5.73 -7.70
CA LYS A 21 -4.73 -6.68 -6.72
C LYS A 21 -3.90 -5.98 -5.63
N GLU A 22 -2.88 -5.21 -6.03
CA GLU A 22 -2.04 -4.57 -5.08
C GLU A 22 -2.53 -3.25 -4.65
N ALA A 23 -3.38 -2.64 -5.44
CA ALA A 23 -4.01 -1.42 -5.00
C ALA A 23 -4.78 -1.73 -3.70
N ALA A 24 -5.39 -2.92 -3.68
CA ALA A 24 -6.08 -3.43 -2.54
C ALA A 24 -5.09 -3.99 -1.51
N GLN A 25 -4.22 -4.94 -1.91
CA GLN A 25 -3.24 -5.58 -1.00
C GLN A 25 -2.41 -4.58 -0.23
N LEU A 26 -1.79 -3.66 -0.95
CA LEU A 26 -0.96 -2.64 -0.35
C LEU A 26 -1.77 -1.82 0.59
N ARG A 27 -2.90 -1.38 0.13
CA ARG A 27 -3.83 -0.62 0.95
C ARG A 27 -4.22 -1.38 2.24
N GLU A 28 -4.83 -2.54 2.09
CA GLU A 28 -5.41 -3.27 3.20
C GLU A 28 -4.37 -3.79 4.20
N GLU A 29 -3.34 -4.47 3.72
CA GLU A 29 -2.38 -5.08 4.63
C GLU A 29 -1.61 -4.04 5.40
N ARG A 30 -1.33 -2.91 4.78
CA ARG A 30 -0.58 -1.89 5.44
C ARG A 30 -1.42 -1.14 6.46
N LEU A 31 -2.66 -0.81 6.12
CA LEU A 31 -3.51 -0.10 7.09
C LEU A 31 -3.94 -1.00 8.25
N ARG A 32 -3.93 -2.31 8.05
CA ARG A 32 -4.23 -3.21 9.16
C ARG A 32 -3.01 -3.38 10.04
N GLN A 33 -1.83 -3.46 9.44
CA GLN A 33 -0.59 -3.54 10.22
C GLN A 33 -0.37 -2.26 11.00
N TYR A 34 -0.74 -1.15 10.38
CA TYR A 34 -0.70 0.14 11.01
C TYR A 34 -1.67 0.21 12.18
N ALA A 35 -2.84 -0.38 12.00
CA ALA A 35 -3.85 -0.44 13.05
C ALA A 35 -3.32 -1.24 14.22
N GLU A 36 -2.79 -2.43 13.94
CA GLU A 36 -2.21 -3.31 14.95
C GLU A 36 -1.04 -2.64 15.66
N LYS A 37 -0.31 -1.84 14.92
CA LYS A 37 0.85 -1.13 15.43
C LYS A 37 0.38 -0.18 16.53
N LYS A 38 -0.69 0.53 16.30
CA LYS A 38 -1.22 1.47 17.29
C LYS A 38 -2.06 0.76 18.34
N ALA A 39 -2.66 -0.33 17.95
CA ALA A 39 -3.51 -1.11 18.84
C ALA A 39 -2.71 -1.78 19.93
N LYS A 40 -1.49 -2.15 19.62
CA LYS A 40 -0.65 -2.80 20.60
C LYS A 40 0.45 -1.88 21.12
N LYS A 41 1.01 -1.05 20.27
CA LYS A 41 2.12 -0.22 20.67
C LYS A 41 1.69 1.24 20.74
N PRO A 42 2.21 2.02 21.71
CA PRO A 42 1.86 3.43 21.85
C PRO A 42 2.75 4.32 20.97
N ALA A 43 3.46 3.71 20.06
CA ALA A 43 4.34 4.40 19.16
C ALA A 43 3.59 4.79 17.89
N LEU A 44 4.20 5.62 17.08
CA LEU A 44 3.60 6.10 15.87
C LEU A 44 4.10 5.31 14.68
N GLY A 1 -5.01 14.59 4.78
CA GLY A 1 -4.65 13.26 5.26
C GLY A 1 -4.47 12.32 4.10
N PRO A 2 -4.00 11.09 4.34
CA PRO A 2 -3.77 10.12 3.28
C PRO A 2 -5.07 9.61 2.65
N GLY A 3 -5.88 8.94 3.45
CA GLY A 3 -7.08 8.33 2.96
C GLY A 3 -6.73 7.14 2.11
N SER A 4 -7.26 7.11 0.93
CA SER A 4 -6.98 6.06 -0.02
C SER A 4 -5.82 6.50 -0.92
N GLU A 5 -4.91 7.25 -0.32
CA GLU A 5 -3.70 7.78 -0.92
C GLU A 5 -2.95 6.72 -1.73
N ASP A 6 -2.66 5.60 -1.09
CA ASP A 6 -1.85 4.52 -1.69
C ASP A 6 -2.62 3.84 -2.83
N ASP A 7 -3.91 3.78 -2.65
CA ASP A 7 -4.83 3.14 -3.58
C ASP A 7 -5.05 4.00 -4.83
N ASP A 8 -5.20 5.28 -4.62
CA ASP A 8 -5.53 6.19 -5.70
C ASP A 8 -4.31 6.68 -6.47
N ILE A 9 -3.31 7.05 -5.75
CA ILE A 9 -2.15 7.66 -6.34
C ILE A 9 -1.22 6.65 -6.99
N ASP A 10 -1.19 6.69 -8.31
CA ASP A 10 -0.28 5.89 -9.09
C ASP A 10 0.24 6.68 -10.26
N LEU A 11 1.44 7.13 -10.13
CA LEU A 11 2.14 7.79 -11.20
C LEU A 11 3.32 6.93 -11.63
N PHE A 12 3.38 5.70 -11.11
CA PHE A 12 4.50 4.83 -11.36
C PHE A 12 4.20 3.74 -12.37
N GLY A 13 3.05 3.14 -12.25
CA GLY A 13 2.68 2.09 -13.17
C GLY A 13 1.89 2.62 -14.32
N SER A 14 1.22 3.76 -14.08
CA SER A 14 0.37 4.45 -15.06
C SER A 14 -0.89 3.61 -15.34
N ASP A 15 -1.20 2.78 -14.35
CA ASP A 15 -2.33 1.89 -14.30
C ASP A 15 -2.34 1.26 -12.95
N ASN A 16 -3.42 1.44 -12.26
CA ASN A 16 -3.56 0.95 -10.91
C ASN A 16 -4.39 -0.29 -10.89
N GLU A 17 -5.30 -0.39 -11.81
CA GLU A 17 -6.18 -1.55 -11.86
C GLU A 17 -5.46 -2.75 -12.43
N GLU A 18 -4.31 -2.54 -13.03
CA GLU A 18 -3.56 -3.64 -13.55
C GLU A 18 -2.93 -4.41 -12.38
N GLU A 19 -2.37 -3.67 -11.43
CA GLU A 19 -1.86 -4.19 -10.15
C GLU A 19 -3.01 -4.27 -9.12
N ASP A 20 -4.19 -4.49 -9.62
CA ASP A 20 -5.48 -4.57 -8.84
C ASP A 20 -5.31 -5.37 -7.57
N LYS A 21 -4.66 -6.50 -7.69
CA LYS A 21 -4.27 -7.37 -6.59
C LYS A 21 -3.68 -6.54 -5.42
N GLU A 22 -2.70 -5.73 -5.72
CA GLU A 22 -1.99 -5.01 -4.73
C GLU A 22 -2.62 -3.69 -4.42
N ALA A 23 -3.42 -3.18 -5.34
CA ALA A 23 -4.16 -1.94 -5.10
C ALA A 23 -4.95 -2.09 -3.81
N ALA A 24 -5.57 -3.25 -3.67
CA ALA A 24 -6.32 -3.60 -2.49
C ALA A 24 -5.38 -4.02 -1.36
N GLN A 25 -4.43 -4.95 -1.66
CA GLN A 25 -3.47 -5.43 -0.65
C GLN A 25 -2.73 -4.31 0.03
N LEU A 26 -2.03 -3.51 -0.74
CA LEU A 26 -1.23 -2.40 -0.22
C LEU A 26 -2.11 -1.47 0.58
N ARG A 27 -3.21 -1.07 -0.02
CA ARG A 27 -4.20 -0.21 0.60
C ARG A 27 -4.60 -0.72 2.00
N GLU A 28 -5.15 -1.92 2.05
CA GLU A 28 -5.62 -2.44 3.30
C GLU A 28 -4.48 -2.79 4.24
N GLU A 29 -3.47 -3.46 3.73
CA GLU A 29 -2.38 -3.94 4.56
C GLU A 29 -1.59 -2.84 5.21
N ARG A 30 -1.47 -1.70 4.55
CA ARG A 30 -0.77 -0.58 5.17
C ARG A 30 -1.55 -0.07 6.38
N LEU A 31 -2.87 0.07 6.23
CA LEU A 31 -3.68 0.55 7.36
C LEU A 31 -3.88 -0.55 8.41
N ARG A 32 -3.98 -1.77 7.93
CA ARG A 32 -4.16 -2.98 8.72
C ARG A 32 -3.00 -3.17 9.68
N GLN A 33 -1.78 -3.14 9.15
CA GLN A 33 -0.58 -3.34 9.96
C GLN A 33 -0.40 -2.20 10.94
N TYR A 34 -0.71 -0.99 10.49
CA TYR A 34 -0.63 0.20 11.35
C TYR A 34 -1.54 0.02 12.54
N ALA A 35 -2.76 -0.40 12.28
CA ALA A 35 -3.74 -0.64 13.32
C ALA A 35 -3.27 -1.75 14.26
N GLU A 36 -2.86 -2.89 13.70
CA GLU A 36 -2.41 -4.02 14.49
C GLU A 36 -1.21 -3.69 15.35
N LYS A 37 -0.31 -2.90 14.83
CA LYS A 37 0.83 -2.47 15.60
C LYS A 37 0.43 -1.47 16.67
N LYS A 38 -0.17 -0.35 16.25
CA LYS A 38 -0.43 0.78 17.15
C LYS A 38 -1.47 0.47 18.23
N ALA A 39 -2.47 -0.32 17.90
CA ALA A 39 -3.52 -0.64 18.87
C ALA A 39 -3.01 -1.59 19.94
N LYS A 40 -1.97 -2.32 19.60
CA LYS A 40 -1.38 -3.27 20.51
C LYS A 40 0.01 -2.84 20.95
N LYS A 41 0.27 -1.55 20.84
CA LYS A 41 1.52 -0.98 21.33
C LYS A 41 1.40 -0.68 22.81
N PRO A 42 2.46 -0.91 23.59
CA PRO A 42 2.51 -0.47 24.97
C PRO A 42 2.56 1.05 25.00
N ALA A 43 1.41 1.65 25.09
CA ALA A 43 1.27 3.06 25.04
C ALA A 43 1.23 3.64 26.43
N LEU A 44 2.33 4.17 26.84
CA LEU A 44 2.44 4.85 28.09
C LEU A 44 2.24 6.30 27.79
N GLY A 1 -2.01 17.73 -2.25
CA GLY A 1 -0.55 17.73 -2.30
C GLY A 1 -0.03 16.33 -2.45
N PRO A 2 0.68 16.03 -3.54
CA PRO A 2 1.18 14.70 -3.78
C PRO A 2 2.43 14.37 -2.95
N GLY A 3 2.34 13.31 -2.21
CA GLY A 3 3.45 12.78 -1.49
C GLY A 3 3.78 11.45 -2.09
N SER A 4 3.17 10.41 -1.56
CA SER A 4 3.34 9.08 -2.12
C SER A 4 2.58 8.96 -3.46
N GLU A 5 1.78 9.98 -3.73
CA GLU A 5 1.06 10.11 -4.99
C GLU A 5 2.04 10.29 -6.14
N ASP A 6 3.23 10.76 -5.82
CA ASP A 6 4.30 10.94 -6.79
C ASP A 6 5.48 10.05 -6.43
N ASP A 7 5.74 9.94 -5.15
CA ASP A 7 6.83 9.15 -4.63
C ASP A 7 6.63 7.65 -4.71
N ASP A 8 5.42 7.22 -4.97
CA ASP A 8 5.19 5.79 -5.17
C ASP A 8 5.12 5.50 -6.64
N ILE A 9 3.92 5.54 -7.20
CA ILE A 9 3.64 5.33 -8.62
C ILE A 9 4.04 3.91 -9.12
N ASP A 10 3.19 3.29 -9.89
CA ASP A 10 3.44 1.97 -10.44
C ASP A 10 4.51 2.02 -11.55
N LEU A 11 5.74 1.82 -11.15
CA LEU A 11 6.86 1.85 -12.09
C LEU A 11 7.31 0.43 -12.37
N PHE A 12 7.61 -0.28 -11.32
CA PHE A 12 8.03 -1.67 -11.40
C PHE A 12 6.82 -2.59 -11.23
N GLY A 13 5.66 -1.96 -11.21
CA GLY A 13 4.42 -2.66 -11.19
C GLY A 13 4.01 -2.91 -12.62
N SER A 14 3.15 -3.86 -12.83
CA SER A 14 2.75 -4.23 -14.18
C SER A 14 1.95 -3.09 -14.85
N ASP A 15 0.99 -2.56 -14.12
CA ASP A 15 0.08 -1.48 -14.55
C ASP A 15 -0.81 -1.24 -13.37
N ASN A 16 -1.30 -0.06 -13.15
CA ASN A 16 -2.06 0.20 -11.92
C ASN A 16 -3.45 -0.41 -11.98
N GLU A 17 -3.99 -0.50 -13.16
CA GLU A 17 -5.30 -1.05 -13.30
C GLU A 17 -5.22 -2.57 -13.31
N GLU A 18 -4.11 -3.08 -13.76
CA GLU A 18 -3.92 -4.51 -13.84
C GLU A 18 -3.45 -5.04 -12.46
N GLU A 19 -2.60 -4.26 -11.80
CA GLU A 19 -2.07 -4.58 -10.47
C GLU A 19 -3.07 -4.13 -9.39
N ASP A 20 -4.32 -3.94 -9.79
CA ASP A 20 -5.43 -3.51 -8.88
C ASP A 20 -5.50 -4.42 -7.65
N LYS A 21 -5.18 -5.69 -7.86
CA LYS A 21 -4.98 -6.67 -6.78
C LYS A 21 -4.14 -6.05 -5.64
N GLU A 22 -2.95 -5.56 -5.97
CA GLU A 22 -2.06 -4.98 -4.99
C GLU A 22 -2.44 -3.62 -4.58
N ALA A 23 -3.21 -2.92 -5.40
CA ALA A 23 -3.72 -1.63 -5.00
C ALA A 23 -4.52 -1.82 -3.71
N ALA A 24 -5.34 -2.87 -3.72
CA ALA A 24 -6.13 -3.25 -2.59
C ALA A 24 -5.27 -3.91 -1.51
N GLN A 25 -4.48 -4.92 -1.89
CA GLN A 25 -3.63 -5.67 -0.94
C GLN A 25 -2.71 -4.79 -0.15
N LEU A 26 -1.84 -4.06 -0.84
CA LEU A 26 -0.86 -3.17 -0.19
C LEU A 26 -1.57 -2.17 0.70
N ARG A 27 -2.62 -1.61 0.17
CA ARG A 27 -3.47 -0.67 0.90
C ARG A 27 -4.02 -1.28 2.19
N GLU A 28 -4.58 -2.46 2.09
CA GLU A 28 -5.23 -3.07 3.22
C GLU A 28 -4.19 -3.54 4.24
N GLU A 29 -3.02 -3.93 3.76
CA GLU A 29 -1.95 -4.33 4.64
C GLU A 29 -1.46 -3.14 5.45
N ARG A 30 -1.58 -1.96 4.89
CA ARG A 30 -1.24 -0.72 5.59
C ARG A 30 -2.22 -0.48 6.74
N LEU A 31 -3.50 -0.76 6.53
CA LEU A 31 -4.47 -0.57 7.60
C LEU A 31 -4.33 -1.65 8.67
N ARG A 32 -3.71 -2.78 8.30
CA ARG A 32 -3.39 -3.83 9.25
C ARG A 32 -2.30 -3.29 10.18
N GLN A 33 -1.29 -2.65 9.56
CA GLN A 33 -0.18 -2.04 10.30
C GLN A 33 -0.72 -1.02 11.27
N TYR A 34 -1.58 -0.18 10.74
CA TYR A 34 -2.23 0.87 11.49
C TYR A 34 -2.98 0.33 12.72
N ALA A 35 -3.92 -0.57 12.50
CA ALA A 35 -4.74 -1.06 13.59
C ALA A 35 -3.99 -2.01 14.53
N GLU A 36 -3.37 -3.02 13.98
CA GLU A 36 -2.75 -4.03 14.81
C GLU A 36 -1.44 -3.57 15.42
N LYS A 37 -0.56 -3.04 14.59
CA LYS A 37 0.77 -2.68 15.05
C LYS A 37 0.87 -1.34 15.74
N LYS A 38 0.00 -0.41 15.42
CA LYS A 38 0.05 0.87 16.09
C LYS A 38 -0.71 0.90 17.40
N ALA A 39 -1.83 0.18 17.49
CA ALA A 39 -2.63 0.26 18.70
C ALA A 39 -1.99 -0.39 19.92
N LYS A 40 -1.70 -1.69 19.86
CA LYS A 40 -1.12 -2.37 21.03
C LYS A 40 -0.10 -3.43 20.63
N LYS A 41 1.14 -3.04 20.61
CA LYS A 41 2.28 -3.91 20.37
C LYS A 41 3.41 -3.33 21.20
N PRO A 42 4.39 -4.13 21.64
CA PRO A 42 5.53 -3.62 22.42
C PRO A 42 6.24 -2.46 21.68
N ALA A 43 6.17 -1.29 22.27
CA ALA A 43 6.75 -0.10 21.69
C ALA A 43 7.51 0.65 22.78
N LEU A 44 7.82 1.89 22.54
CA LEU A 44 8.49 2.68 23.54
C LEU A 44 7.43 3.46 24.30
N GLY A 1 12.25 5.85 0.87
CA GLY A 1 11.41 6.18 -0.27
C GLY A 1 11.30 5.00 -1.20
N PRO A 2 10.35 4.99 -2.16
CA PRO A 2 10.17 3.88 -3.09
C PRO A 2 11.19 3.91 -4.23
N GLY A 3 12.11 4.84 -4.17
CA GLY A 3 13.11 4.97 -5.18
C GLY A 3 12.54 5.56 -6.42
N SER A 4 12.09 4.71 -7.29
CA SER A 4 11.46 5.13 -8.52
C SER A 4 10.37 4.14 -8.92
N GLU A 5 9.86 3.37 -7.95
CA GLU A 5 8.82 2.37 -8.22
C GLU A 5 7.59 3.00 -8.86
N ASP A 6 7.18 4.13 -8.34
CA ASP A 6 5.94 4.75 -8.79
C ASP A 6 6.21 5.63 -10.01
N ASP A 7 7.43 6.05 -10.14
CA ASP A 7 7.83 6.93 -11.24
C ASP A 7 7.99 6.15 -12.53
N ASP A 8 8.74 5.08 -12.45
CA ASP A 8 9.07 4.30 -13.63
C ASP A 8 8.14 3.13 -13.82
N ILE A 9 7.94 2.39 -12.79
CA ILE A 9 7.16 1.17 -12.87
C ILE A 9 5.67 1.50 -12.88
N ASP A 10 4.93 0.79 -13.71
CA ASP A 10 3.50 0.97 -13.80
C ASP A 10 2.79 0.27 -12.67
N LEU A 11 2.62 1.01 -11.61
CA LEU A 11 1.93 0.55 -10.41
C LEU A 11 0.43 0.45 -10.73
N PHE A 12 0.03 1.21 -11.72
CA PHE A 12 -1.34 1.27 -12.23
C PHE A 12 -1.74 -0.10 -12.83
N GLY A 13 -0.75 -0.87 -13.27
CA GLY A 13 -1.00 -2.16 -13.86
C GLY A 13 -0.88 -2.11 -15.35
N SER A 14 -1.30 -3.16 -16.03
CA SER A 14 -1.28 -3.16 -17.48
C SER A 14 -2.61 -2.58 -17.99
N ASP A 15 -3.66 -2.90 -17.28
CA ASP A 15 -4.99 -2.40 -17.60
C ASP A 15 -5.33 -1.39 -16.56
N ASN A 16 -5.35 -1.92 -15.31
CA ASN A 16 -5.62 -1.23 -14.05
C ASN A 16 -6.37 -2.15 -13.15
N GLU A 17 -7.34 -2.83 -13.72
CA GLU A 17 -8.22 -3.68 -12.93
C GLU A 17 -7.61 -5.02 -12.67
N GLU A 18 -6.62 -5.34 -13.44
CA GLU A 18 -5.95 -6.58 -13.29
C GLU A 18 -4.94 -6.54 -12.15
N GLU A 19 -4.13 -5.50 -12.10
CA GLU A 19 -3.18 -5.34 -11.00
C GLU A 19 -3.84 -4.66 -9.78
N ASP A 20 -5.12 -4.32 -9.93
CA ASP A 20 -5.95 -3.68 -8.87
C ASP A 20 -5.91 -4.47 -7.57
N LYS A 21 -5.66 -5.77 -7.73
CA LYS A 21 -5.42 -6.71 -6.62
C LYS A 21 -4.45 -6.10 -5.58
N GLU A 22 -3.27 -5.68 -6.01
CA GLU A 22 -2.28 -5.17 -5.10
C GLU A 22 -2.47 -3.74 -4.75
N ALA A 23 -3.20 -3.02 -5.57
CA ALA A 23 -3.53 -1.66 -5.23
C ALA A 23 -4.31 -1.69 -3.91
N ALA A 24 -5.28 -2.58 -3.85
CA ALA A 24 -6.11 -2.78 -2.70
C ALA A 24 -5.39 -3.59 -1.61
N GLN A 25 -4.78 -4.72 -1.98
CA GLN A 25 -4.07 -5.59 -1.03
C GLN A 25 -2.95 -4.91 -0.28
N LEU A 26 -2.01 -4.31 -1.00
CA LEU A 26 -0.92 -3.59 -0.34
C LEU A 26 -1.50 -2.52 0.56
N ARG A 27 -2.46 -1.79 0.03
CA ARG A 27 -3.20 -0.77 0.78
C ARG A 27 -3.78 -1.33 2.10
N GLU A 28 -4.56 -2.41 1.99
CA GLU A 28 -5.26 -2.97 3.12
C GLU A 28 -4.28 -3.51 4.15
N GLU A 29 -3.21 -4.12 3.69
CA GLU A 29 -2.21 -4.65 4.58
C GLU A 29 -1.44 -3.53 5.27
N ARG A 30 -1.23 -2.43 4.58
CA ARG A 30 -0.56 -1.26 5.16
C ARG A 30 -1.38 -0.71 6.31
N LEU A 31 -2.69 -0.63 6.11
CA LEU A 31 -3.56 -0.11 7.14
C LEU A 31 -3.74 -1.11 8.30
N ARG A 32 -3.49 -2.41 8.03
CA ARG A 32 -3.47 -3.41 9.10
C ARG A 32 -2.32 -3.09 10.04
N GLN A 33 -1.15 -2.86 9.45
CA GLN A 33 0.08 -2.53 10.20
C GLN A 33 -0.17 -1.32 11.09
N TYR A 34 -0.83 -0.35 10.52
CA TYR A 34 -1.21 0.88 11.20
C TYR A 34 -2.11 0.55 12.40
N ALA A 35 -3.16 -0.21 12.15
CA ALA A 35 -4.12 -0.59 13.17
C ALA A 35 -3.49 -1.46 14.27
N GLU A 36 -2.71 -2.44 13.84
CA GLU A 36 -2.11 -3.39 14.75
C GLU A 36 -1.01 -2.80 15.60
N LYS A 37 -0.27 -1.82 15.11
CA LYS A 37 0.77 -1.22 15.94
C LYS A 37 0.19 -0.27 16.97
N LYS A 38 -0.98 0.23 16.69
CA LYS A 38 -1.67 1.11 17.62
C LYS A 38 -2.45 0.30 18.65
N ALA A 39 -2.85 -0.89 18.25
CA ALA A 39 -3.55 -1.79 19.14
C ALA A 39 -2.55 -2.58 19.97
N LYS A 40 -1.63 -3.25 19.31
CA LYS A 40 -0.63 -4.03 20.00
C LYS A 40 0.58 -3.17 20.27
N LYS A 41 0.45 -2.35 21.26
CA LYS A 41 1.51 -1.53 21.70
C LYS A 41 2.08 -2.25 22.91
N PRO A 42 3.35 -2.62 22.86
CA PRO A 42 4.03 -3.36 23.92
C PRO A 42 4.04 -2.63 25.26
N ALA A 43 2.98 -2.82 26.02
CA ALA A 43 2.84 -2.25 27.32
C ALA A 43 3.58 -3.11 28.31
N LEU A 44 4.86 -3.02 28.25
CA LEU A 44 5.76 -3.78 29.05
C LEU A 44 6.76 -2.83 29.62
N GLY A 1 10.80 13.84 -14.07
CA GLY A 1 10.29 13.06 -15.19
C GLY A 1 9.97 11.65 -14.75
N PRO A 2 8.93 11.00 -15.30
CA PRO A 2 8.55 9.69 -14.90
C PRO A 2 9.31 8.60 -15.63
N GLY A 3 10.28 8.03 -14.97
CA GLY A 3 11.08 6.98 -15.50
C GLY A 3 10.75 5.72 -14.79
N SER A 4 11.30 5.55 -13.61
CA SER A 4 10.98 4.42 -12.76
C SER A 4 9.54 4.58 -12.25
N GLU A 5 9.08 5.82 -12.28
CA GLU A 5 7.73 6.20 -11.88
C GLU A 5 6.72 5.64 -12.89
N ASP A 6 7.22 5.25 -14.04
CA ASP A 6 6.39 4.69 -15.06
C ASP A 6 6.73 3.23 -15.30
N ASP A 7 8.01 2.94 -15.34
CA ASP A 7 8.50 1.58 -15.61
C ASP A 7 8.24 0.63 -14.44
N ASP A 8 8.48 1.11 -13.24
CA ASP A 8 8.28 0.31 -12.03
C ASP A 8 6.90 0.51 -11.50
N ILE A 9 6.59 1.76 -11.28
CA ILE A 9 5.33 2.17 -10.73
C ILE A 9 4.26 2.06 -11.80
N ASP A 10 3.24 1.30 -11.53
CA ASP A 10 2.14 1.17 -12.45
C ASP A 10 1.15 2.30 -12.24
N LEU A 11 1.28 3.31 -13.06
CA LEU A 11 0.34 4.41 -13.07
C LEU A 11 -0.49 4.29 -14.32
N PHE A 12 0.17 3.88 -15.37
CA PHE A 12 -0.49 3.49 -16.59
C PHE A 12 -0.15 2.03 -16.79
N GLY A 13 1.13 1.73 -16.56
CA GLY A 13 1.64 0.40 -16.59
C GLY A 13 1.40 -0.29 -17.90
N SER A 14 0.88 -1.49 -17.82
CA SER A 14 0.56 -2.22 -19.00
C SER A 14 -0.95 -2.46 -19.09
N ASP A 15 -1.64 -2.17 -18.00
CA ASP A 15 -3.09 -2.38 -17.89
C ASP A 15 -3.64 -1.43 -16.88
N ASN A 16 -3.08 -1.55 -15.67
CA ASN A 16 -3.36 -0.66 -14.52
C ASN A 16 -4.64 -0.99 -13.81
N GLU A 17 -5.66 -1.27 -14.54
CA GLU A 17 -6.92 -1.59 -13.93
C GLU A 17 -6.93 -2.99 -13.36
N GLU A 18 -6.08 -3.85 -13.91
CA GLU A 18 -6.00 -5.20 -13.44
C GLU A 18 -5.10 -5.31 -12.23
N GLU A 19 -4.24 -4.30 -12.04
CA GLU A 19 -3.36 -4.25 -10.86
C GLU A 19 -4.16 -3.79 -9.60
N ASP A 20 -5.50 -3.70 -9.74
CA ASP A 20 -6.42 -3.37 -8.62
C ASP A 20 -6.18 -4.31 -7.44
N LYS A 21 -5.76 -5.54 -7.79
CA LYS A 21 -5.29 -6.55 -6.84
C LYS A 21 -4.35 -5.93 -5.78
N GLU A 22 -3.27 -5.28 -6.23
CA GLU A 22 -2.31 -4.70 -5.32
C GLU A 22 -2.74 -3.40 -4.79
N ALA A 23 -3.65 -2.76 -5.47
CA ALA A 23 -4.23 -1.55 -4.95
C ALA A 23 -4.89 -1.89 -3.62
N ALA A 24 -5.62 -2.99 -3.61
CA ALA A 24 -6.28 -3.47 -2.42
C ALA A 24 -5.29 -4.15 -1.46
N GLN A 25 -4.47 -5.10 -1.98
CA GLN A 25 -3.50 -5.85 -1.17
C GLN A 25 -2.56 -4.95 -0.40
N LEU A 26 -1.80 -4.13 -1.12
CA LEU A 26 -0.84 -3.22 -0.50
C LEU A 26 -1.53 -2.28 0.49
N ARG A 27 -2.61 -1.68 0.03
CA ARG A 27 -3.44 -0.78 0.85
C ARG A 27 -3.84 -1.43 2.17
N GLU A 28 -4.44 -2.61 2.10
CA GLU A 28 -4.99 -3.23 3.28
C GLU A 28 -3.90 -3.64 4.25
N GLU A 29 -2.77 -4.11 3.72
CA GLU A 29 -1.68 -4.54 4.57
C GLU A 29 -0.97 -3.38 5.24
N ARG A 30 -0.84 -2.27 4.54
CA ARG A 30 -0.21 -1.08 5.10
C ARG A 30 -1.01 -0.56 6.29
N LEU A 31 -2.33 -0.58 6.17
CA LEU A 31 -3.18 -0.11 7.26
C LEU A 31 -3.38 -1.21 8.31
N ARG A 32 -3.26 -2.46 7.88
CA ARG A 32 -3.43 -3.66 8.72
C ARG A 32 -2.42 -3.64 9.85
N GLN A 33 -1.18 -3.45 9.47
CA GLN A 33 -0.09 -3.40 10.42
C GLN A 33 -0.20 -2.16 11.28
N TYR A 34 -0.48 -1.04 10.64
CA TYR A 34 -0.64 0.24 11.31
C TYR A 34 -1.71 0.16 12.40
N ALA A 35 -2.86 -0.39 12.03
CA ALA A 35 -3.98 -0.55 12.93
C ALA A 35 -3.61 -1.35 14.16
N GLU A 36 -3.03 -2.52 13.93
CA GLU A 36 -2.67 -3.40 15.02
C GLU A 36 -1.58 -2.84 15.88
N LYS A 37 -0.61 -2.21 15.28
CA LYS A 37 0.51 -1.67 16.03
C LYS A 37 0.10 -0.49 16.90
N LYS A 38 -0.91 0.25 16.47
CA LYS A 38 -1.36 1.38 17.28
C LYS A 38 -2.33 0.94 18.35
N ALA A 39 -3.24 0.04 18.00
CA ALA A 39 -4.21 -0.46 18.95
C ALA A 39 -3.52 -1.31 19.99
N LYS A 40 -2.70 -2.23 19.54
CA LYS A 40 -2.05 -3.15 20.43
C LYS A 40 -0.69 -2.64 20.87
N LYS A 41 -0.74 -1.58 21.62
CA LYS A 41 0.40 -1.01 22.29
C LYS A 41 0.44 -1.59 23.69
N PRO A 42 1.62 -1.68 24.34
CA PRO A 42 1.72 -2.22 25.70
C PRO A 42 1.08 -1.29 26.75
N ALA A 43 1.23 -1.67 28.02
CA ALA A 43 0.67 -0.96 29.19
C ALA A 43 -0.84 -1.16 29.29
N LEU A 44 -1.55 -0.66 28.32
CA LEU A 44 -3.00 -0.74 28.32
C LEU A 44 -3.45 -2.05 27.72
N GLY A 1 -6.10 21.77 -2.10
CA GLY A 1 -4.70 21.63 -1.70
C GLY A 1 -4.24 20.22 -1.88
N PRO A 2 -3.00 19.88 -1.47
CA PRO A 2 -2.48 18.52 -1.57
C PRO A 2 -3.07 17.62 -0.48
N GLY A 3 -4.01 16.80 -0.87
CA GLY A 3 -4.63 15.87 0.03
C GLY A 3 -4.73 14.55 -0.65
N SER A 4 -3.91 13.59 -0.19
CA SER A 4 -3.78 12.25 -0.78
C SER A 4 -3.18 12.37 -2.17
N GLU A 5 -2.42 13.43 -2.37
CA GLU A 5 -1.83 13.77 -3.66
C GLU A 5 -0.90 12.68 -4.18
N ASP A 6 -0.23 12.01 -3.29
CA ASP A 6 0.75 10.98 -3.65
C ASP A 6 0.14 9.60 -3.58
N ASP A 7 -1.17 9.53 -3.43
CA ASP A 7 -1.84 8.24 -3.29
C ASP A 7 -3.05 8.14 -4.23
N ASP A 8 -3.80 9.22 -4.35
CA ASP A 8 -4.97 9.26 -5.23
C ASP A 8 -4.54 9.50 -6.65
N ILE A 9 -3.43 10.19 -6.78
CA ILE A 9 -2.82 10.41 -8.05
C ILE A 9 -1.74 9.36 -8.22
N ASP A 10 -2.11 8.29 -8.84
CA ASP A 10 -1.23 7.16 -9.02
C ASP A 10 -0.31 7.36 -10.20
N LEU A 11 0.94 7.20 -9.94
CA LEU A 11 1.96 7.38 -10.95
C LEU A 11 2.62 6.04 -11.24
N PHE A 12 2.21 5.00 -10.55
CA PHE A 12 2.86 3.71 -10.65
C PHE A 12 2.14 2.81 -11.62
N GLY A 13 0.85 2.77 -11.53
CA GLY A 13 0.09 1.94 -12.41
C GLY A 13 -0.20 2.64 -13.71
N SER A 14 -0.62 1.89 -14.70
CA SER A 14 -0.97 2.47 -15.98
C SER A 14 -2.34 3.11 -15.83
N ASP A 15 -3.12 2.49 -15.00
CA ASP A 15 -4.41 2.96 -14.61
C ASP A 15 -4.46 2.66 -13.15
N ASN A 16 -5.29 3.34 -12.46
CA ASN A 16 -5.36 3.22 -11.04
C ASN A 16 -6.22 2.03 -10.67
N GLU A 17 -7.12 1.67 -11.56
CA GLU A 17 -7.94 0.50 -11.35
C GLU A 17 -7.22 -0.77 -11.80
N GLU A 18 -6.15 -0.62 -12.57
CA GLU A 18 -5.45 -1.78 -13.06
C GLU A 18 -4.47 -2.29 -12.01
N GLU A 19 -3.69 -1.39 -11.45
CA GLU A 19 -2.77 -1.77 -10.40
C GLU A 19 -3.49 -1.77 -9.04
N ASP A 20 -4.80 -1.53 -9.10
CA ASP A 20 -5.70 -1.56 -7.92
C ASP A 20 -5.60 -2.90 -7.21
N LYS A 21 -5.18 -3.93 -7.96
CA LYS A 21 -4.84 -5.23 -7.41
C LYS A 21 -3.92 -5.09 -6.18
N GLU A 22 -2.80 -4.39 -6.33
CA GLU A 22 -1.94 -4.17 -5.20
C GLU A 22 -2.32 -3.00 -4.39
N ALA A 23 -3.05 -2.07 -4.98
CA ALA A 23 -3.56 -0.96 -4.21
C ALA A 23 -4.42 -1.49 -3.07
N ALA A 24 -5.21 -2.53 -3.35
CA ALA A 24 -6.06 -3.19 -2.36
C ALA A 24 -5.30 -4.26 -1.57
N GLN A 25 -4.47 -5.05 -2.23
CA GLN A 25 -3.71 -6.09 -1.55
C GLN A 25 -2.72 -5.52 -0.54
N LEU A 26 -1.91 -4.58 -0.97
CA LEU A 26 -0.98 -3.90 -0.06
C LEU A 26 -1.76 -3.17 1.01
N ARG A 27 -2.83 -2.52 0.59
CA ARG A 27 -3.77 -1.81 1.49
C ARG A 27 -4.19 -2.68 2.66
N GLU A 28 -4.68 -3.88 2.36
CA GLU A 28 -5.20 -4.75 3.38
C GLU A 28 -4.11 -5.13 4.38
N GLU A 29 -2.90 -5.32 3.85
CA GLU A 29 -1.74 -5.64 4.66
C GLU A 29 -1.37 -4.45 5.55
N ARG A 30 -1.42 -3.27 4.95
CA ARG A 30 -1.07 -2.04 5.62
C ARG A 30 -2.12 -1.60 6.64
N LEU A 31 -3.40 -1.85 6.38
CA LEU A 31 -4.45 -1.47 7.35
C LEU A 31 -4.39 -2.34 8.60
N ARG A 32 -3.82 -3.54 8.45
CA ARG A 32 -3.59 -4.41 9.58
C ARG A 32 -2.57 -3.76 10.47
N GLN A 33 -1.41 -3.45 9.89
CA GLN A 33 -0.31 -2.84 10.59
C GLN A 33 -0.66 -1.46 11.14
N TYR A 34 -1.61 -0.83 10.50
CA TYR A 34 -2.13 0.46 10.91
C TYR A 34 -2.75 0.31 12.29
N ALA A 35 -3.60 -0.68 12.43
CA ALA A 35 -4.30 -0.93 13.66
C ALA A 35 -3.41 -1.68 14.67
N GLU A 36 -2.84 -2.80 14.24
CA GLU A 36 -2.06 -3.66 15.09
C GLU A 36 -0.87 -2.93 15.69
N LYS A 37 -0.12 -2.22 14.89
CA LYS A 37 1.02 -1.53 15.40
C LYS A 37 0.65 -0.17 16.03
N LYS A 38 0.12 0.73 15.23
CA LYS A 38 -0.05 2.11 15.69
C LYS A 38 -1.32 2.38 16.48
N ALA A 39 -2.25 1.48 16.46
CA ALA A 39 -3.47 1.69 17.21
C ALA A 39 -3.51 0.80 18.44
N LYS A 40 -2.55 -0.07 18.56
CA LYS A 40 -2.44 -0.90 19.74
C LYS A 40 -1.29 -0.44 20.60
N LYS A 41 -0.28 0.09 19.96
CA LYS A 41 0.81 0.69 20.66
C LYS A 41 0.63 2.19 20.55
N PRO A 42 0.90 2.95 21.63
CA PRO A 42 0.73 4.39 21.60
C PRO A 42 1.74 5.09 20.69
N ALA A 43 1.40 5.20 19.43
CA ALA A 43 2.22 5.93 18.49
C ALA A 43 1.88 7.39 18.63
N LEU A 44 0.65 7.63 18.99
CA LEU A 44 0.14 8.94 19.25
C LEU A 44 -0.53 8.89 20.61
N GLY A 1 14.20 8.04 -3.79
CA GLY A 1 15.27 7.11 -4.13
C GLY A 1 14.77 6.10 -5.13
N PRO A 2 15.51 5.85 -6.23
CA PRO A 2 15.08 4.91 -7.25
C PRO A 2 15.21 3.46 -6.79
N GLY A 3 14.18 2.98 -6.15
CA GLY A 3 14.17 1.62 -5.68
C GLY A 3 13.51 0.73 -6.69
N SER A 4 12.27 1.06 -6.99
CA SER A 4 11.46 0.30 -7.93
C SER A 4 11.99 0.48 -9.34
N GLU A 5 12.78 1.51 -9.52
CA GLU A 5 13.37 1.83 -10.79
C GLU A 5 14.67 1.07 -10.99
N ASP A 6 15.11 0.38 -9.95
CA ASP A 6 16.29 -0.47 -10.04
C ASP A 6 15.86 -1.91 -10.12
N ASP A 7 14.90 -2.27 -9.26
CA ASP A 7 14.34 -3.65 -9.21
C ASP A 7 13.46 -3.95 -10.41
N ASP A 8 13.04 -2.92 -11.11
CA ASP A 8 12.10 -3.04 -12.18
C ASP A 8 12.30 -1.78 -12.99
N ILE A 9 11.34 -1.40 -13.76
CA ILE A 9 11.40 -0.25 -14.61
C ILE A 9 10.07 0.51 -14.54
N ASP A 10 9.01 -0.22 -14.29
CA ASP A 10 7.69 0.37 -14.20
C ASP A 10 7.45 1.01 -12.85
N LEU A 11 7.46 2.32 -12.82
CA LEU A 11 7.12 3.06 -11.62
C LEU A 11 5.72 3.64 -11.79
N PHE A 12 5.11 3.37 -12.92
CA PHE A 12 3.80 3.87 -13.23
C PHE A 12 2.79 2.99 -12.51
N GLY A 13 3.05 1.71 -12.55
CA GLY A 13 2.16 0.74 -12.02
C GLY A 13 1.20 0.37 -13.09
N SER A 14 1.68 0.52 -14.34
CA SER A 14 0.90 0.38 -15.57
C SER A 14 -0.24 1.43 -15.58
N ASP A 15 -1.23 1.21 -14.76
CA ASP A 15 -2.34 2.09 -14.55
C ASP A 15 -2.82 1.78 -13.17
N ASN A 16 -3.05 2.75 -12.38
CA ASN A 16 -3.34 2.52 -10.96
C ASN A 16 -4.70 1.89 -10.75
N GLU A 17 -5.60 2.15 -11.66
CA GLU A 17 -6.92 1.59 -11.58
C GLU A 17 -6.94 0.18 -12.16
N GLU A 18 -5.91 -0.15 -12.94
CA GLU A 18 -5.79 -1.49 -13.49
C GLU A 18 -5.07 -2.35 -12.46
N GLU A 19 -4.15 -1.70 -11.74
CA GLU A 19 -3.35 -2.30 -10.69
C GLU A 19 -4.13 -2.33 -9.37
N ASP A 20 -5.44 -2.35 -9.52
CA ASP A 20 -6.42 -2.49 -8.42
C ASP A 20 -6.03 -3.65 -7.51
N LYS A 21 -5.40 -4.67 -8.11
CA LYS A 21 -4.82 -5.80 -7.39
C LYS A 21 -3.93 -5.33 -6.21
N GLU A 22 -2.91 -4.52 -6.49
CA GLU A 22 -2.04 -4.05 -5.42
C GLU A 22 -2.55 -2.86 -4.74
N ALA A 23 -3.45 -2.14 -5.39
CA ALA A 23 -4.15 -1.08 -4.72
C ALA A 23 -4.79 -1.68 -3.47
N ALA A 24 -5.51 -2.78 -3.64
CA ALA A 24 -6.15 -3.50 -2.55
C ALA A 24 -5.17 -4.27 -1.68
N GLN A 25 -4.36 -5.15 -2.30
CA GLN A 25 -3.44 -6.01 -1.56
C GLN A 25 -2.53 -5.27 -0.62
N LEU A 26 -1.74 -4.36 -1.16
CA LEU A 26 -0.81 -3.57 -0.34
C LEU A 26 -1.58 -2.79 0.73
N ARG A 27 -2.65 -2.17 0.31
CA ARG A 27 -3.55 -1.40 1.18
C ARG A 27 -3.98 -2.20 2.40
N GLU A 28 -4.63 -3.34 2.17
CA GLU A 28 -5.17 -4.13 3.25
C GLU A 28 -4.09 -4.63 4.18
N GLU A 29 -2.97 -5.08 3.62
CA GLU A 29 -1.85 -5.58 4.42
C GLU A 29 -1.32 -4.48 5.33
N ARG A 30 -1.14 -3.31 4.78
CA ARG A 30 -0.59 -2.20 5.52
C ARG A 30 -1.55 -1.69 6.57
N LEU A 31 -2.81 -1.45 6.19
CA LEU A 31 -3.77 -0.85 7.11
C LEU A 31 -3.99 -1.67 8.39
N ARG A 32 -3.95 -2.99 8.26
CA ARG A 32 -4.14 -3.84 9.44
C ARG A 32 -2.94 -3.80 10.38
N GLN A 33 -1.74 -3.80 9.83
CA GLN A 33 -0.51 -3.73 10.65
C GLN A 33 -0.38 -2.34 11.26
N TYR A 34 -0.70 -1.35 10.46
CA TYR A 34 -0.67 0.06 10.84
C TYR A 34 -1.67 0.29 11.98
N ALA A 35 -2.78 -0.41 11.90
CA ALA A 35 -3.79 -0.38 12.95
C ALA A 35 -3.22 -0.97 14.22
N GLU A 36 -2.69 -2.21 14.12
CA GLU A 36 -2.13 -2.94 15.26
C GLU A 36 -1.05 -2.14 15.98
N LYS A 37 -0.26 -1.42 15.20
CA LYS A 37 0.80 -0.60 15.70
C LYS A 37 0.30 0.47 16.67
N LYS A 38 -0.74 1.19 16.30
CA LYS A 38 -1.28 2.20 17.21
C LYS A 38 -2.30 1.60 18.19
N ALA A 39 -2.75 0.40 17.90
CA ALA A 39 -3.73 -0.27 18.70
C ALA A 39 -3.16 -0.79 20.01
N LYS A 40 -2.03 -1.46 19.95
CA LYS A 40 -1.42 -1.98 21.15
C LYS A 40 0.00 -1.49 21.32
N LYS A 41 0.18 -0.58 22.24
CA LYS A 41 1.50 -0.06 22.58
C LYS A 41 1.60 0.17 24.06
N PRO A 42 2.51 -0.56 24.74
CA PRO A 42 2.81 -0.32 26.14
C PRO A 42 3.68 0.94 26.22
N ALA A 43 4.39 1.17 25.15
CA ALA A 43 5.21 2.31 24.92
C ALA A 43 5.04 2.65 23.45
N LEU A 44 4.47 3.79 23.17
CA LEU A 44 4.19 4.21 21.80
C LEU A 44 5.48 4.46 21.01
N GLY A 1 1.15 19.83 -16.06
CA GLY A 1 2.16 18.97 -15.50
C GLY A 1 1.54 17.88 -14.69
N PRO A 2 2.25 16.74 -14.47
CA PRO A 2 1.70 15.56 -13.80
C PRO A 2 1.12 15.87 -12.42
N GLY A 3 -0.17 15.83 -12.33
CA GLY A 3 -0.84 16.03 -11.09
C GLY A 3 -0.99 14.71 -10.41
N SER A 4 -1.31 13.71 -11.19
CA SER A 4 -1.40 12.35 -10.73
C SER A 4 -1.00 11.40 -11.86
N GLU A 5 -0.62 11.97 -12.98
CA GLU A 5 -0.24 11.23 -14.18
C GLU A 5 0.91 10.25 -13.92
N ASP A 6 1.91 10.68 -13.17
CA ASP A 6 3.10 9.83 -13.02
C ASP A 6 3.00 8.93 -11.82
N ASP A 7 2.07 9.22 -10.94
CA ASP A 7 1.84 8.40 -9.76
C ASP A 7 0.79 7.36 -10.03
N ASP A 8 -0.01 7.61 -11.04
CA ASP A 8 -1.07 6.70 -11.49
C ASP A 8 -0.44 5.48 -12.15
N ILE A 9 0.60 5.75 -12.87
CA ILE A 9 1.34 4.75 -13.60
C ILE A 9 2.48 4.27 -12.71
N ASP A 10 2.79 3.01 -12.76
CA ASP A 10 3.91 2.50 -11.99
C ASP A 10 5.08 2.41 -12.94
N LEU A 11 6.25 2.80 -12.50
CA LEU A 11 7.42 2.81 -13.37
C LEU A 11 8.15 1.46 -13.30
N PHE A 12 7.98 0.78 -12.22
CA PHE A 12 8.65 -0.48 -11.98
C PHE A 12 7.79 -1.61 -12.50
N GLY A 13 6.52 -1.52 -12.21
CA GLY A 13 5.59 -2.52 -12.62
C GLY A 13 5.23 -2.43 -14.09
N SER A 14 4.53 -3.43 -14.56
CA SER A 14 4.08 -3.49 -15.93
C SER A 14 3.01 -2.42 -16.13
N ASP A 15 2.11 -2.39 -15.21
CA ASP A 15 1.04 -1.43 -15.18
C ASP A 15 0.76 -1.23 -13.70
N ASN A 16 -0.28 -0.55 -13.38
CA ASN A 16 -0.66 -0.34 -12.01
C ASN A 16 -2.11 -0.70 -11.79
N GLU A 17 -2.91 -0.55 -12.82
CA GLU A 17 -4.32 -0.85 -12.70
C GLU A 17 -4.55 -2.35 -12.87
N GLU A 18 -3.63 -3.03 -13.58
CA GLU A 18 -3.76 -4.47 -13.76
C GLU A 18 -3.26 -5.15 -12.48
N GLU A 19 -2.40 -4.42 -11.78
CA GLU A 19 -1.81 -4.82 -10.52
C GLU A 19 -2.79 -4.46 -9.37
N ASP A 20 -4.06 -4.39 -9.72
CA ASP A 20 -5.19 -4.07 -8.80
C ASP A 20 -5.15 -4.92 -7.55
N LYS A 21 -4.65 -6.14 -7.72
CA LYS A 21 -4.40 -7.04 -6.61
C LYS A 21 -3.65 -6.32 -5.47
N GLU A 22 -2.52 -5.68 -5.80
CA GLU A 22 -1.77 -5.00 -4.78
C GLU A 22 -2.31 -3.65 -4.48
N ALA A 23 -3.04 -3.08 -5.41
CA ALA A 23 -3.68 -1.80 -5.15
C ALA A 23 -4.59 -1.96 -3.94
N ALA A 24 -5.30 -3.09 -3.91
CA ALA A 24 -6.14 -3.47 -2.81
C ALA A 24 -5.32 -3.97 -1.63
N GLN A 25 -4.38 -4.92 -1.88
CA GLN A 25 -3.54 -5.50 -0.82
C GLN A 25 -2.82 -4.45 -0.03
N LEU A 26 -2.01 -3.64 -0.70
CA LEU A 26 -1.25 -2.58 -0.04
C LEU A 26 -2.18 -1.66 0.74
N ARG A 27 -3.24 -1.24 0.07
CA ARG A 27 -4.31 -0.42 0.68
C ARG A 27 -4.78 -0.99 2.03
N GLU A 28 -5.30 -2.20 2.00
CA GLU A 28 -5.87 -2.81 3.18
C GLU A 28 -4.79 -3.24 4.19
N GLU A 29 -3.68 -3.71 3.70
CA GLU A 29 -2.62 -4.17 4.59
C GLU A 29 -1.93 -3.05 5.33
N ARG A 30 -1.71 -1.91 4.66
CA ARG A 30 -1.08 -0.78 5.34
C ARG A 30 -1.96 -0.28 6.48
N LEU A 31 -3.29 -0.34 6.27
CA LEU A 31 -4.21 0.05 7.33
C LEU A 31 -4.34 -1.07 8.39
N ARG A 32 -4.00 -2.30 8.02
CA ARG A 32 -3.94 -3.39 9.00
C ARG A 32 -2.76 -3.22 9.90
N GLN A 33 -1.55 -3.10 9.31
CA GLN A 33 -0.33 -2.94 10.11
C GLN A 33 -0.42 -1.73 10.99
N TYR A 34 -1.02 -0.67 10.48
CA TYR A 34 -1.28 0.53 11.26
C TYR A 34 -2.10 0.19 12.51
N ALA A 35 -3.26 -0.38 12.32
CA ALA A 35 -4.16 -0.69 13.43
C ALA A 35 -3.56 -1.72 14.39
N GLU A 36 -3.07 -2.81 13.83
CA GLU A 36 -2.53 -3.91 14.61
C GLU A 36 -1.29 -3.50 15.39
N LYS A 37 -0.37 -2.81 14.77
CA LYS A 37 0.84 -2.41 15.46
C LYS A 37 0.58 -1.27 16.39
N LYS A 38 -0.12 -0.25 15.94
CA LYS A 38 -0.34 0.98 16.74
C LYS A 38 -1.22 0.77 17.96
N ALA A 39 -1.78 -0.41 18.08
CA ALA A 39 -2.51 -0.76 19.27
C ALA A 39 -1.52 -1.01 20.44
N LYS A 40 -0.29 -1.38 20.08
CA LYS A 40 0.74 -1.69 21.07
C LYS A 40 2.04 -0.91 20.83
N LYS A 41 2.21 -0.41 19.65
CA LYS A 41 3.41 0.29 19.28
C LYS A 41 3.06 1.74 18.94
N PRO A 42 4.03 2.65 18.94
CA PRO A 42 3.82 4.05 18.53
C PRO A 42 3.51 4.17 17.02
N ALA A 43 3.35 5.40 16.55
CA ALA A 43 2.96 5.69 15.17
C ALA A 43 4.03 5.35 14.12
N LEU A 44 5.20 4.95 14.56
CA LEU A 44 6.24 4.56 13.64
C LEU A 44 6.03 3.11 13.25
N GLY A 1 9.61 20.60 -12.78
CA GLY A 1 8.16 20.41 -12.63
C GLY A 1 7.83 18.96 -12.84
N PRO A 2 6.59 18.51 -12.59
CA PRO A 2 6.22 17.12 -12.75
C PRO A 2 6.20 16.67 -14.20
N GLY A 3 7.30 16.12 -14.63
CA GLY A 3 7.40 15.60 -15.97
C GLY A 3 7.54 14.10 -15.94
N SER A 4 8.38 13.61 -15.07
CA SER A 4 8.63 12.20 -14.92
C SER A 4 8.46 11.77 -13.47
N GLU A 5 7.76 12.58 -12.71
CA GLU A 5 7.63 12.34 -11.28
C GLU A 5 6.57 11.29 -10.98
N ASP A 6 5.62 11.12 -11.87
CA ASP A 6 4.60 10.08 -11.70
C ASP A 6 5.19 8.73 -12.02
N ASP A 7 6.00 8.72 -13.05
CA ASP A 7 6.70 7.51 -13.53
C ASP A 7 7.74 7.07 -12.50
N ASP A 8 8.12 7.99 -11.64
CA ASP A 8 9.03 7.70 -10.54
C ASP A 8 8.33 6.87 -9.48
N ILE A 9 7.06 7.14 -9.33
CA ILE A 9 6.27 6.50 -8.31
C ILE A 9 5.96 5.05 -8.66
N ASP A 10 5.12 4.83 -9.64
CA ASP A 10 4.74 3.47 -9.98
C ASP A 10 4.51 3.30 -11.48
N LEU A 11 5.31 2.46 -12.08
CA LEU A 11 5.14 2.02 -13.47
C LEU A 11 4.77 0.54 -13.49
N PHE A 12 4.49 0.02 -12.33
CA PHE A 12 4.25 -1.40 -12.18
C PHE A 12 2.81 -1.72 -12.53
N GLY A 13 1.90 -0.89 -12.06
CA GLY A 13 0.53 -1.03 -12.41
C GLY A 13 0.37 -0.70 -13.86
N SER A 14 0.06 -1.68 -14.66
CA SER A 14 0.05 -1.50 -16.08
C SER A 14 -1.26 -0.91 -16.56
N ASP A 15 -2.33 -1.17 -15.84
CA ASP A 15 -3.62 -0.69 -16.27
C ASP A 15 -4.41 -0.15 -15.10
N ASN A 16 -4.09 -0.68 -13.90
CA ASN A 16 -4.71 -0.34 -12.58
C ASN A 16 -5.86 -1.27 -12.28
N GLU A 17 -6.47 -1.82 -13.32
CA GLU A 17 -7.53 -2.78 -13.11
C GLU A 17 -6.92 -4.13 -12.86
N GLU A 18 -5.79 -4.35 -13.50
CA GLU A 18 -5.10 -5.58 -13.39
C GLU A 18 -4.34 -5.70 -12.09
N GLU A 19 -3.67 -4.64 -11.72
CA GLU A 19 -2.95 -4.60 -10.47
C GLU A 19 -3.89 -4.20 -9.31
N ASP A 20 -5.20 -4.31 -9.53
CA ASP A 20 -6.22 -4.03 -8.48
C ASP A 20 -5.92 -4.84 -7.23
N LYS A 21 -5.39 -6.04 -7.47
CA LYS A 21 -4.88 -6.92 -6.44
C LYS A 21 -4.00 -6.16 -5.44
N GLU A 22 -3.04 -5.39 -5.93
CA GLU A 22 -2.17 -4.69 -5.06
C GLU A 22 -2.70 -3.39 -4.64
N ALA A 23 -3.64 -2.84 -5.38
CA ALA A 23 -4.34 -1.66 -4.92
C ALA A 23 -4.97 -1.99 -3.58
N ALA A 24 -5.56 -3.18 -3.51
CA ALA A 24 -6.15 -3.73 -2.32
C ALA A 24 -5.08 -4.14 -1.32
N GLN A 25 -4.13 -4.99 -1.74
CA GLN A 25 -3.08 -5.51 -0.86
C GLN A 25 -2.26 -4.42 -0.20
N LEU A 26 -1.66 -3.54 -1.00
CA LEU A 26 -0.82 -2.46 -0.48
C LEU A 26 -1.61 -1.63 0.49
N ARG A 27 -2.82 -1.30 0.08
CA ARG A 27 -3.77 -0.57 0.90
C ARG A 27 -4.03 -1.28 2.25
N GLU A 28 -4.53 -2.51 2.19
CA GLU A 28 -4.94 -3.23 3.38
C GLU A 28 -3.77 -3.56 4.29
N GLU A 29 -2.67 -3.97 3.71
CA GLU A 29 -1.51 -4.36 4.49
C GLU A 29 -0.91 -3.18 5.23
N ARG A 30 -1.02 -1.99 4.66
CA ARG A 30 -0.55 -0.80 5.33
C ARG A 30 -1.47 -0.44 6.49
N LEU A 31 -2.78 -0.41 6.24
CA LEU A 31 -3.74 -0.06 7.28
C LEU A 31 -3.81 -1.14 8.37
N ARG A 32 -3.53 -2.38 7.99
CA ARG A 32 -3.52 -3.53 8.90
C ARG A 32 -2.49 -3.29 9.98
N GLN A 33 -1.29 -2.95 9.54
CA GLN A 33 -0.17 -2.70 10.41
C GLN A 33 -0.39 -1.44 11.22
N TYR A 34 -1.01 -0.48 10.61
CA TYR A 34 -1.31 0.77 11.28
C TYR A 34 -2.35 0.55 12.38
N ALA A 35 -3.43 -0.11 12.06
CA ALA A 35 -4.50 -0.31 13.00
C ALA A 35 -4.13 -1.28 14.10
N GLU A 36 -3.80 -2.52 13.72
CA GLU A 36 -3.59 -3.56 14.71
C GLU A 36 -2.30 -3.41 15.49
N LYS A 37 -1.22 -3.12 14.81
CA LYS A 37 0.07 -3.05 15.47
C LYS A 37 0.23 -1.78 16.28
N LYS A 38 -0.27 -0.66 15.78
CA LYS A 38 -0.14 0.59 16.52
C LYS A 38 -1.13 0.67 17.66
N ALA A 39 -2.08 -0.25 17.71
CA ALA A 39 -3.00 -0.32 18.84
C ALA A 39 -2.32 -1.06 20.00
N LYS A 40 -1.19 -1.68 19.70
CA LYS A 40 -0.42 -2.41 20.71
C LYS A 40 0.80 -1.55 21.10
N LYS A 41 0.84 -0.36 20.56
CA LYS A 41 1.92 0.57 20.76
C LYS A 41 1.32 1.91 21.15
N PRO A 42 2.09 2.81 21.74
CA PRO A 42 1.65 4.18 21.92
C PRO A 42 1.74 4.91 20.58
N ALA A 43 0.89 5.90 20.36
CA ALA A 43 0.91 6.62 19.11
C ALA A 43 2.15 7.48 19.01
N LEU A 44 2.68 7.56 17.84
CA LEU A 44 3.86 8.31 17.58
C LEU A 44 3.52 9.63 16.92
N GLY A 1 19.43 -2.85 -6.77
CA GLY A 1 18.69 -3.87 -6.03
C GLY A 1 17.32 -3.34 -5.72
N PRO A 2 16.75 -3.69 -4.56
CA PRO A 2 15.43 -3.23 -4.18
C PRO A 2 15.43 -1.76 -3.76
N GLY A 3 16.27 -1.42 -2.79
CA GLY A 3 16.30 -0.07 -2.28
C GLY A 3 14.99 0.29 -1.62
N SER A 4 14.22 1.13 -2.26
CA SER A 4 12.94 1.55 -1.74
C SER A 4 11.86 0.51 -2.07
N GLU A 5 12.25 -0.51 -2.82
CA GLU A 5 11.39 -1.63 -3.17
C GLU A 5 11.48 -2.70 -2.08
N ASP A 6 12.35 -2.47 -1.10
CA ASP A 6 12.53 -3.40 0.01
C ASP A 6 11.46 -3.23 1.08
N ASP A 7 11.44 -2.06 1.69
CA ASP A 7 10.51 -1.79 2.79
C ASP A 7 9.15 -1.37 2.27
N ASP A 8 9.13 -0.90 1.07
CA ASP A 8 7.93 -0.36 0.51
C ASP A 8 7.79 -0.97 -0.84
N ILE A 9 6.77 -0.59 -1.56
CA ILE A 9 6.45 -1.25 -2.80
C ILE A 9 5.90 -0.27 -3.83
N ASP A 10 4.80 0.37 -3.51
CA ASP A 10 4.18 1.27 -4.47
C ASP A 10 4.75 2.66 -4.37
N LEU A 11 5.39 3.06 -5.43
CA LEU A 11 5.85 4.42 -5.54
C LEU A 11 4.93 5.10 -6.54
N PHE A 12 4.80 4.47 -7.69
CA PHE A 12 3.87 4.90 -8.72
C PHE A 12 2.95 3.75 -9.10
N GLY A 13 3.45 2.54 -8.91
CA GLY A 13 2.70 1.36 -9.20
C GLY A 13 2.98 0.88 -10.60
N SER A 14 2.73 -0.37 -10.85
CA SER A 14 2.92 -0.93 -12.16
C SER A 14 1.62 -0.69 -12.90
N ASP A 15 1.49 0.54 -13.45
CA ASP A 15 0.22 1.07 -14.04
C ASP A 15 -0.77 1.44 -12.91
N ASN A 16 -0.74 0.61 -11.91
CA ASN A 16 -1.41 0.70 -10.64
C ASN A 16 -2.86 0.29 -10.70
N GLU A 17 -3.52 0.58 -11.79
CA GLU A 17 -4.89 0.15 -11.93
C GLU A 17 -4.90 -1.29 -12.43
N GLU A 18 -3.84 -1.69 -13.18
CA GLU A 18 -3.76 -3.07 -13.64
C GLU A 18 -3.42 -3.93 -12.44
N GLU A 19 -2.67 -3.29 -11.58
CA GLU A 19 -2.14 -3.78 -10.33
C GLU A 19 -3.19 -3.65 -9.21
N ASP A 20 -4.45 -3.69 -9.59
CA ASP A 20 -5.58 -3.57 -8.65
C ASP A 20 -5.45 -4.59 -7.50
N LYS A 21 -4.83 -5.72 -7.81
CA LYS A 21 -4.44 -6.73 -6.84
C LYS A 21 -3.70 -6.09 -5.65
N GLU A 22 -2.62 -5.37 -5.92
CA GLU A 22 -1.84 -4.75 -4.90
C GLU A 22 -2.42 -3.46 -4.47
N ALA A 23 -3.20 -2.85 -5.33
CA ALA A 23 -3.92 -1.64 -4.97
C ALA A 23 -4.76 -1.94 -3.75
N ALA A 24 -5.46 -3.06 -3.78
CA ALA A 24 -6.27 -3.53 -2.67
C ALA A 24 -5.40 -4.11 -1.55
N GLN A 25 -4.53 -5.08 -1.90
CA GLN A 25 -3.67 -5.75 -0.91
C GLN A 25 -2.83 -4.79 -0.11
N LEU A 26 -1.98 -4.02 -0.79
CA LEU A 26 -1.14 -3.04 -0.10
C LEU A 26 -1.96 -2.10 0.74
N ARG A 27 -3.02 -1.57 0.14
CA ARG A 27 -4.00 -0.71 0.84
C ARG A 27 -4.44 -1.31 2.17
N GLU A 28 -5.00 -2.52 2.11
CA GLU A 28 -5.55 -3.14 3.28
C GLU A 28 -4.47 -3.60 4.26
N GLU A 29 -3.40 -4.15 3.74
CA GLU A 29 -2.32 -4.63 4.57
C GLU A 29 -1.61 -3.49 5.29
N ARG A 30 -1.46 -2.34 4.65
CA ARG A 30 -0.83 -1.22 5.31
C ARG A 30 -1.73 -0.67 6.40
N LEU A 31 -3.05 -0.64 6.16
CA LEU A 31 -3.96 -0.13 7.17
C LEU A 31 -4.09 -1.11 8.33
N ARG A 32 -3.95 -2.40 8.05
CA ARG A 32 -3.95 -3.39 9.10
C ARG A 32 -2.74 -3.20 9.99
N GLN A 33 -1.55 -3.07 9.37
CA GLN A 33 -0.31 -2.86 10.10
C GLN A 33 -0.39 -1.58 10.92
N TYR A 34 -0.98 -0.57 10.32
CA TYR A 34 -1.24 0.71 10.95
C TYR A 34 -2.05 0.51 12.23
N ALA A 35 -3.19 -0.14 12.08
CA ALA A 35 -4.10 -0.36 13.17
C ALA A 35 -3.48 -1.24 14.27
N GLU A 36 -3.06 -2.43 13.89
CA GLU A 36 -2.57 -3.41 14.85
C GLU A 36 -1.26 -3.04 15.52
N LYS A 37 -0.36 -2.39 14.81
CA LYS A 37 0.93 -2.04 15.42
C LYS A 37 0.76 -0.97 16.50
N LYS A 38 -0.14 -0.03 16.28
CA LYS A 38 -0.35 1.00 17.29
C LYS A 38 -1.36 0.61 18.36
N ALA A 39 -2.25 -0.32 18.03
CA ALA A 39 -3.22 -0.82 19.00
C ALA A 39 -2.54 -1.82 19.92
N LYS A 40 -1.71 -2.65 19.33
CA LYS A 40 -0.92 -3.61 20.06
C LYS A 40 0.53 -3.27 19.88
N LYS A 41 1.01 -2.44 20.76
CA LYS A 41 2.33 -1.92 20.70
C LYS A 41 3.08 -2.28 21.96
N PRO A 42 4.43 -2.17 21.96
CA PRO A 42 5.25 -2.41 23.15
C PRO A 42 4.70 -1.71 24.38
N ALA A 43 4.39 -2.49 25.39
CA ALA A 43 3.81 -1.97 26.60
C ALA A 43 4.87 -1.29 27.45
N LEU A 44 4.76 -0.01 27.62
CA LEU A 44 5.71 0.74 28.38
C LEU A 44 5.03 1.46 29.53
N GLY A 1 11.55 -2.85 -16.95
CA GLY A 1 12.71 -2.27 -16.30
C GLY A 1 12.39 -0.90 -15.75
N PRO A 2 13.32 -0.26 -15.01
CA PRO A 2 13.11 1.08 -14.42
C PRO A 2 12.66 2.11 -15.46
N GLY A 3 13.48 2.30 -16.48
CA GLY A 3 13.15 3.19 -17.58
C GLY A 3 13.15 4.65 -17.17
N SER A 4 12.00 5.11 -16.74
CA SER A 4 11.81 6.48 -16.36
C SER A 4 11.65 6.57 -14.84
N GLU A 5 11.77 5.41 -14.17
CA GLU A 5 11.56 5.23 -12.70
C GLU A 5 12.15 6.36 -11.85
N ASP A 6 13.31 6.84 -12.24
CA ASP A 6 14.03 7.84 -11.47
C ASP A 6 13.26 9.15 -11.39
N ASP A 7 12.79 9.61 -12.51
CA ASP A 7 12.14 10.91 -12.57
C ASP A 7 10.65 10.74 -12.88
N ASP A 8 10.10 9.63 -12.47
CA ASP A 8 8.73 9.32 -12.74
C ASP A 8 8.15 8.87 -11.46
N ILE A 9 6.91 8.62 -11.48
CA ILE A 9 6.19 8.16 -10.34
C ILE A 9 5.21 7.15 -10.86
N ASP A 10 5.59 5.91 -10.76
CA ASP A 10 4.82 4.83 -11.32
C ASP A 10 4.93 3.63 -10.42
N LEU A 11 4.15 3.62 -9.36
CA LEU A 11 4.17 2.52 -8.40
C LEU A 11 2.86 1.76 -8.45
N PHE A 12 1.85 2.43 -8.95
CA PHE A 12 0.54 1.86 -9.18
C PHE A 12 0.17 2.13 -10.61
N GLY A 13 1.18 2.23 -11.44
CA GLY A 13 0.98 2.61 -12.81
C GLY A 13 1.22 1.48 -13.77
N SER A 14 1.99 1.79 -14.83
CA SER A 14 2.32 0.87 -15.94
C SER A 14 1.08 0.34 -16.69
N ASP A 15 -0.09 0.88 -16.35
CA ASP A 15 -1.41 0.47 -16.84
C ASP A 15 -2.39 0.98 -15.83
N ASN A 16 -2.02 0.75 -14.57
CA ASN A 16 -2.77 1.13 -13.36
C ASN A 16 -3.86 0.16 -13.00
N GLU A 17 -4.62 -0.23 -13.96
CA GLU A 17 -5.77 -1.07 -13.74
C GLU A 17 -5.35 -2.51 -13.53
N GLU A 18 -4.18 -2.85 -14.01
CA GLU A 18 -3.66 -4.20 -13.85
C GLU A 18 -2.95 -4.33 -12.50
N GLU A 19 -2.50 -3.20 -11.96
CA GLU A 19 -1.83 -3.15 -10.67
C GLU A 19 -2.86 -3.06 -9.51
N ASP A 20 -4.15 -3.13 -9.85
CA ASP A 20 -5.26 -3.02 -8.86
C ASP A 20 -5.10 -4.06 -7.73
N LYS A 21 -4.49 -5.18 -8.10
CA LYS A 21 -4.04 -6.23 -7.18
C LYS A 21 -3.37 -5.65 -5.92
N GLU A 22 -2.40 -4.77 -6.10
CA GLU A 22 -1.71 -4.20 -4.99
C GLU A 22 -2.33 -2.97 -4.49
N ALA A 23 -3.14 -2.34 -5.30
CA ALA A 23 -3.92 -1.23 -4.83
C ALA A 23 -4.77 -1.73 -3.67
N ALA A 24 -5.38 -2.90 -3.88
CA ALA A 24 -6.19 -3.58 -2.89
C ALA A 24 -5.35 -4.22 -1.77
N GLN A 25 -4.37 -5.06 -2.15
CA GLN A 25 -3.52 -5.75 -1.18
C GLN A 25 -2.79 -4.81 -0.24
N LEU A 26 -2.00 -3.91 -0.78
CA LEU A 26 -1.25 -2.93 0.03
C LEU A 26 -2.20 -2.15 0.92
N ARG A 27 -3.30 -1.74 0.35
CA ARG A 27 -4.40 -1.07 1.06
C ARG A 27 -4.77 -1.84 2.33
N GLU A 28 -5.16 -3.09 2.15
CA GLU A 28 -5.68 -3.88 3.23
C GLU A 28 -4.60 -4.32 4.24
N GLU A 29 -3.43 -4.70 3.72
CA GLU A 29 -2.33 -5.18 4.57
C GLU A 29 -1.84 -4.08 5.48
N ARG A 30 -1.65 -2.91 4.91
CA ARG A 30 -1.12 -1.78 5.64
C ARG A 30 -2.08 -1.24 6.66
N LEU A 31 -3.38 -1.24 6.34
CA LEU A 31 -4.35 -0.74 7.31
C LEU A 31 -4.45 -1.67 8.51
N ARG A 32 -4.27 -2.97 8.26
CA ARG A 32 -4.27 -3.93 9.34
C ARG A 32 -3.05 -3.74 10.23
N GLN A 33 -1.90 -3.53 9.61
CA GLN A 33 -0.66 -3.27 10.35
C GLN A 33 -0.72 -1.94 11.09
N TYR A 34 -1.32 -0.96 10.45
CA TYR A 34 -1.49 0.38 11.03
C TYR A 34 -2.38 0.30 12.24
N ALA A 35 -3.42 -0.49 12.16
CA ALA A 35 -4.34 -0.67 13.27
C ALA A 35 -3.65 -1.38 14.45
N GLU A 36 -2.97 -2.47 14.17
CA GLU A 36 -2.34 -3.27 15.23
C GLU A 36 -1.11 -2.63 15.83
N LYS A 37 -0.14 -2.31 14.99
CA LYS A 37 1.16 -1.81 15.42
C LYS A 37 1.05 -0.49 16.16
N LYS A 38 0.11 0.32 15.73
CA LYS A 38 -0.06 1.62 16.32
C LYS A 38 -0.80 1.55 17.64
N ALA A 39 -1.72 0.59 17.75
CA ALA A 39 -2.53 0.43 18.97
C ALA A 39 -1.73 -0.27 20.06
N LYS A 40 -0.54 -0.71 19.72
CA LYS A 40 0.38 -1.26 20.67
C LYS A 40 0.98 -0.08 21.47
N LYS A 41 0.88 1.09 20.86
CA LYS A 41 1.28 2.34 21.46
C LYS A 41 -0.01 3.02 21.95
N PRO A 42 0.05 4.04 22.81
CA PRO A 42 -1.15 4.69 23.32
C PRO A 42 -1.62 5.85 22.42
N ALA A 43 -1.33 5.77 21.13
CA ALA A 43 -1.60 6.87 20.22
C ALA A 43 -2.62 6.49 19.15
N LEU A 44 -3.55 7.39 18.91
CA LEU A 44 -4.58 7.21 17.92
C LEU A 44 -4.22 8.03 16.70
#